data_1LA4
#
_entry.id   1LA4
#
_entity_poly.entity_id   1
_entity_poly.type   'polypeptide(L)'
_entity_poly.pdbx_seq_one_letter_code
;TCRYLFGGCKTTADCCKHLACRSDGKYCAWDGTF
;
_entity_poly.pdbx_strand_id   A
#
# COMPACT_ATOMS: atom_id res chain seq x y z
N THR A 1 6.24 -3.01 11.06
CA THR A 1 5.31 -1.84 11.10
C THR A 1 4.91 -1.45 9.67
N CYS A 2 3.64 -1.30 9.42
CA CYS A 2 3.19 -0.92 8.05
C CYS A 2 1.77 -0.37 8.08
N ARG A 3 1.23 -0.07 6.94
CA ARG A 3 -0.16 0.45 6.89
C ARG A 3 -1.03 -0.50 6.05
N TYR A 4 -2.26 -0.15 5.82
CA TYR A 4 -3.13 -1.06 5.02
C TYR A 4 -3.73 -0.32 3.82
N LEU A 5 -4.74 -0.88 3.22
CA LEU A 5 -5.37 -0.23 2.04
C LEU A 5 -5.47 1.29 2.19
N PHE A 6 -5.23 2.00 1.13
CA PHE A 6 -5.33 3.49 1.17
C PHE A 6 -4.50 4.07 2.30
N GLY A 7 -3.45 3.39 2.68
CA GLY A 7 -2.58 3.93 3.77
C GLY A 7 -1.69 5.03 3.21
N GLY A 8 -1.79 6.23 3.74
CA GLY A 8 -0.95 7.36 3.23
C GLY A 8 0.50 6.90 3.09
N CYS A 9 0.92 6.54 1.91
CA CYS A 9 2.32 6.06 1.71
C CYS A 9 3.03 6.83 0.60
N LYS A 10 4.34 6.79 0.64
CA LYS A 10 5.14 7.45 -0.42
C LYS A 10 5.89 6.38 -1.20
N THR A 11 5.80 5.15 -0.76
CA THR A 11 6.51 4.05 -1.47
C THR A 11 5.84 2.70 -1.19
N THR A 12 6.13 1.70 -1.97
CA THR A 12 5.51 0.36 -1.76
C THR A 12 6.05 -0.27 -0.47
N ALA A 13 7.26 0.03 -0.11
CA ALA A 13 7.84 -0.56 1.13
C ALA A 13 7.21 0.08 2.37
N ASP A 14 6.31 1.00 2.18
CA ASP A 14 5.66 1.66 3.35
C ASP A 14 4.36 0.94 3.73
N CYS A 15 3.93 -0.02 2.96
CA CYS A 15 2.68 -0.74 3.32
C CYS A 15 3.00 -2.06 4.00
N CYS A 16 1.99 -2.81 4.33
CA CYS A 16 2.22 -4.13 5.00
C CYS A 16 2.67 -5.18 3.98
N LYS A 17 2.66 -6.43 4.35
CA LYS A 17 3.11 -7.50 3.41
C LYS A 17 1.98 -7.92 2.47
N HIS A 18 1.24 -6.97 1.97
CA HIS A 18 0.13 -7.31 1.02
C HIS A 18 -0.27 -6.06 0.23
N LEU A 19 -0.14 -4.90 0.82
CA LEU A 19 -0.54 -3.65 0.12
C LEU A 19 0.51 -3.24 -0.91
N ALA A 20 0.18 -2.28 -1.73
CA ALA A 20 1.12 -1.81 -2.78
C ALA A 20 0.97 -0.30 -2.95
N CYS A 21 1.84 0.46 -2.34
CA CYS A 21 1.75 1.94 -2.44
C CYS A 21 1.68 2.36 -3.92
N ARG A 22 0.50 2.51 -4.44
CA ARG A 22 0.36 2.91 -5.87
C ARG A 22 0.59 4.42 -6.01
N SER A 23 1.37 4.82 -6.97
CA SER A 23 1.64 6.27 -7.16
C SER A 23 0.36 7.02 -7.54
N ASP A 24 -0.71 6.32 -7.79
CA ASP A 24 -1.99 7.00 -8.15
C ASP A 24 -2.66 7.53 -6.88
N GLY A 25 -2.06 8.51 -6.26
CA GLY A 25 -2.65 9.06 -5.00
C GLY A 25 -1.78 8.64 -3.82
N LYS A 26 -0.60 8.14 -4.09
CA LYS A 26 0.30 7.70 -2.97
C LYS A 26 -0.51 6.97 -1.90
N TYR A 27 -1.08 5.84 -2.25
CA TYR A 27 -1.89 5.08 -1.25
C TYR A 27 -1.53 3.59 -1.32
N CYS A 28 -1.49 2.94 -0.19
CA CYS A 28 -1.14 1.48 -0.20
C CYS A 28 -2.39 0.62 -0.41
N ALA A 29 -2.36 -0.21 -1.41
CA ALA A 29 -3.54 -1.11 -1.67
C ALA A 29 -3.02 -2.47 -2.16
N TRP A 30 -3.45 -3.54 -1.55
CA TRP A 30 -2.95 -4.88 -1.98
C TRP A 30 -3.67 -5.34 -3.24
N ASP A 31 -3.14 -6.32 -3.92
CA ASP A 31 -3.80 -6.82 -5.16
C ASP A 31 -3.92 -8.35 -5.11
N GLY A 32 -5.10 -8.84 -4.88
CA GLY A 32 -5.28 -10.33 -4.82
C GLY A 32 -4.50 -10.88 -3.62
N THR A 33 -3.96 -12.05 -3.74
CA THR A 33 -3.20 -12.65 -2.61
C THR A 33 -2.14 -13.61 -3.13
N PHE A 34 -1.43 -14.27 -2.25
CA PHE A 34 -0.38 -15.22 -2.71
C PHE A 34 -0.99 -16.62 -2.92
N THR A 1 4.19 -2.83 11.85
CA THR A 1 4.35 -1.34 11.73
C THR A 1 4.23 -0.90 10.27
N CYS A 2 3.12 -1.18 9.65
CA CYS A 2 2.93 -0.78 8.22
C CYS A 2 1.56 -0.15 8.02
N ARG A 3 1.22 0.16 6.81
CA ARG A 3 -0.11 0.78 6.54
C ARG A 3 -0.93 -0.15 5.63
N TYR A 4 -2.20 -0.29 5.92
CA TYR A 4 -3.05 -1.18 5.08
C TYR A 4 -3.60 -0.43 3.87
N LEU A 5 -4.60 -0.96 3.24
CA LEU A 5 -5.20 -0.31 2.04
C LEU A 5 -5.30 1.20 2.20
N PHE A 6 -5.31 1.91 1.11
CA PHE A 6 -5.44 3.39 1.14
C PHE A 6 -4.67 3.99 2.32
N GLY A 7 -3.57 3.40 2.69
CA GLY A 7 -2.78 3.96 3.82
C GLY A 7 -1.81 5.02 3.29
N GLY A 8 -1.84 6.21 3.85
CA GLY A 8 -0.91 7.28 3.37
C GLY A 8 0.46 6.68 3.11
N CYS A 9 0.85 6.57 1.86
CA CYS A 9 2.18 5.96 1.56
C CYS A 9 3.00 6.79 0.58
N LYS A 10 4.28 6.57 0.62
CA LYS A 10 5.21 7.28 -0.30
C LYS A 10 6.03 6.25 -1.07
N THR A 11 5.86 4.99 -0.75
CA THR A 11 6.62 3.91 -1.44
C THR A 11 5.91 2.57 -1.26
N THR A 12 6.26 1.59 -2.04
CA THR A 12 5.61 0.25 -1.91
C THR A 12 6.03 -0.44 -0.61
N ALA A 13 7.27 -0.33 -0.24
CA ALA A 13 7.75 -0.98 1.01
C ALA A 13 7.18 -0.26 2.25
N ASP A 14 6.41 0.78 2.04
CA ASP A 14 5.85 1.52 3.20
C ASP A 14 4.53 0.87 3.66
N CYS A 15 4.08 -0.16 2.99
CA CYS A 15 2.80 -0.80 3.43
C CYS A 15 3.09 -2.14 4.13
N CYS A 16 2.06 -2.85 4.48
CA CYS A 16 2.25 -4.16 5.16
C CYS A 16 2.75 -5.20 4.16
N LYS A 17 2.66 -6.47 4.49
CA LYS A 17 3.14 -7.52 3.56
C LYS A 17 2.03 -7.93 2.59
N HIS A 18 1.30 -6.98 2.10
CA HIS A 18 0.18 -7.29 1.14
C HIS A 18 -0.20 -6.03 0.35
N LEU A 19 -0.10 -4.88 0.96
CA LEU A 19 -0.49 -3.63 0.27
C LEU A 19 0.60 -3.17 -0.71
N ALA A 20 0.23 -2.32 -1.63
CA ALA A 20 1.20 -1.81 -2.63
C ALA A 20 0.99 -0.31 -2.86
N CYS A 21 1.81 0.52 -2.27
CA CYS A 21 1.64 1.98 -2.46
C CYS A 21 1.51 2.34 -3.94
N ARG A 22 0.41 2.92 -4.33
CA ARG A 22 0.22 3.29 -5.76
C ARG A 22 0.54 4.78 -5.97
N SER A 23 1.24 5.11 -7.02
CA SER A 23 1.61 6.52 -7.29
C SER A 23 0.36 7.35 -7.64
N ASP A 24 -0.66 6.72 -8.16
CA ASP A 24 -1.89 7.49 -8.52
C ASP A 24 -2.71 7.78 -7.26
N GLY A 25 -2.15 8.53 -6.35
CA GLY A 25 -2.88 8.85 -5.10
C GLY A 25 -1.98 8.55 -3.89
N LYS A 26 -0.79 8.07 -4.15
CA LYS A 26 0.14 7.76 -3.02
C LYS A 26 -0.62 7.03 -1.91
N TYR A 27 -1.10 5.84 -2.19
CA TYR A 27 -1.85 5.09 -1.14
C TYR A 27 -1.55 3.59 -1.23
N CYS A 28 -1.36 2.95 -0.11
CA CYS A 28 -1.05 1.49 -0.12
C CYS A 28 -2.31 0.65 -0.37
N ALA A 29 -2.27 -0.24 -1.33
CA ALA A 29 -3.45 -1.11 -1.62
C ALA A 29 -2.94 -2.45 -2.18
N TRP A 30 -3.38 -3.55 -1.62
CA TRP A 30 -2.89 -4.86 -2.13
C TRP A 30 -3.64 -5.25 -3.40
N ASP A 31 -3.22 -6.29 -4.06
CA ASP A 31 -3.90 -6.71 -5.31
C ASP A 31 -4.51 -8.11 -5.13
N GLY A 32 -5.18 -8.34 -4.03
CA GLY A 32 -5.78 -9.68 -3.80
C GLY A 32 -4.68 -10.73 -3.74
N THR A 33 -4.87 -11.86 -4.36
CA THR A 33 -3.83 -12.92 -4.33
C THR A 33 -3.10 -12.98 -5.67
N PHE A 34 -3.67 -13.65 -6.64
CA PHE A 34 -3.01 -13.74 -7.97
C PHE A 34 -1.52 -14.02 -7.80
N THR A 1 6.23 -1.48 11.76
CA THR A 1 4.76 -1.26 11.57
C THR A 1 4.47 -0.81 10.14
N CYS A 2 3.36 -1.23 9.59
CA CYS A 2 3.02 -0.83 8.19
C CYS A 2 1.62 -0.23 8.14
N ARG A 3 1.09 -0.03 6.97
CA ARG A 3 -0.28 0.54 6.84
C ARG A 3 -1.14 -0.39 6.00
N TYR A 4 -2.44 -0.25 6.08
CA TYR A 4 -3.33 -1.13 5.27
C TYR A 4 -3.78 -0.41 4.01
N LEU A 5 -4.81 -0.91 3.37
CA LEU A 5 -5.30 -0.27 2.12
C LEU A 5 -5.30 1.26 2.23
N PHE A 6 -5.16 1.92 1.12
CA PHE A 6 -5.17 3.40 1.12
C PHE A 6 -4.32 3.96 2.26
N GLY A 7 -3.27 3.29 2.61
CA GLY A 7 -2.40 3.80 3.71
C GLY A 7 -1.53 4.94 3.18
N GLY A 8 -1.69 6.13 3.69
CA GLY A 8 -0.86 7.28 3.21
C GLY A 8 0.59 6.83 3.04
N CYS A 9 0.97 6.48 1.84
CA CYS A 9 2.36 6.01 1.61
C CYS A 9 3.05 6.77 0.49
N LYS A 10 4.35 6.77 0.51
CA LYS A 10 5.13 7.43 -0.56
C LYS A 10 5.90 6.36 -1.32
N THR A 11 5.85 5.14 -0.84
CA THR A 11 6.57 4.03 -1.52
C THR A 11 5.86 2.70 -1.24
N THR A 12 6.16 1.69 -2.01
CA THR A 12 5.48 0.36 -1.79
C THR A 12 5.94 -0.24 -0.45
N ALA A 13 7.20 -0.08 -0.11
CA ALA A 13 7.70 -0.65 1.17
C ALA A 13 7.04 0.04 2.36
N ASP A 14 6.28 1.08 2.12
CA ASP A 14 5.62 1.80 3.25
C ASP A 14 4.29 1.11 3.61
N CYS A 15 4.01 -0.02 3.03
CA CYS A 15 2.73 -0.70 3.36
C CYS A 15 3.01 -2.02 4.09
N CYS A 16 1.97 -2.74 4.41
CA CYS A 16 2.16 -4.05 5.10
C CYS A 16 2.66 -5.08 4.09
N LYS A 17 2.72 -6.32 4.45
CA LYS A 17 3.22 -7.35 3.50
C LYS A 17 2.09 -7.84 2.58
N HIS A 18 1.33 -6.93 2.04
CA HIS A 18 0.21 -7.34 1.12
C HIS A 18 -0.21 -6.16 0.23
N LEU A 19 -0.16 -4.97 0.75
CA LEU A 19 -0.59 -3.79 -0.06
C LEU A 19 0.50 -3.34 -1.02
N ALA A 20 0.17 -2.42 -1.89
CA ALA A 20 1.15 -1.91 -2.88
C ALA A 20 0.97 -0.39 -3.03
N CYS A 21 1.84 0.39 -2.44
CA CYS A 21 1.71 1.86 -2.54
C CYS A 21 1.58 2.30 -4.00
N ARG A 22 0.38 2.62 -4.43
CA ARG A 22 0.19 3.06 -5.84
C ARG A 22 0.53 4.54 -5.99
N SER A 23 1.26 4.88 -7.01
CA SER A 23 1.64 6.31 -7.22
C SER A 23 0.40 7.15 -7.51
N ASP A 24 -0.70 6.53 -7.83
CA ASP A 24 -1.94 7.30 -8.14
C ASP A 24 -2.60 7.78 -6.84
N GLY A 25 -2.00 8.74 -6.19
CA GLY A 25 -2.60 9.26 -4.92
C GLY A 25 -1.72 8.84 -3.74
N LYS A 26 -0.63 8.16 -3.99
CA LYS A 26 0.26 7.73 -2.88
C LYS A 26 -0.55 6.97 -1.83
N TYR A 27 -1.03 5.80 -2.17
CA TYR A 27 -1.84 5.02 -1.18
C TYR A 27 -1.53 3.52 -1.30
N CYS A 28 -1.41 2.83 -0.19
CA CYS A 28 -1.09 1.38 -0.26
C CYS A 28 -2.35 0.52 -0.44
N ALA A 29 -2.36 -0.31 -1.44
CA ALA A 29 -3.54 -1.20 -1.69
C ALA A 29 -3.04 -2.55 -2.21
N TRP A 30 -3.43 -3.64 -1.59
CA TRP A 30 -2.95 -4.97 -2.05
C TRP A 30 -3.73 -5.44 -3.28
N ASP A 31 -3.27 -6.50 -3.90
CA ASP A 31 -3.97 -7.01 -5.11
C ASP A 31 -4.57 -8.39 -4.83
N GLY A 32 -5.29 -8.54 -3.75
CA GLY A 32 -5.90 -9.86 -3.43
C GLY A 32 -5.10 -10.54 -2.32
N THR A 33 -4.54 -11.69 -2.59
CA THR A 33 -3.75 -12.40 -1.54
C THR A 33 -2.38 -12.80 -2.08
N PHE A 34 -2.31 -13.18 -3.34
CA PHE A 34 -1.01 -13.58 -3.93
C PHE A 34 -0.29 -14.57 -3.00
N THR A 1 5.63 -2.08 11.47
CA THR A 1 4.67 -0.93 11.43
C THR A 1 4.37 -0.54 9.99
N CYS A 2 3.31 -1.04 9.42
CA CYS A 2 2.97 -0.69 8.02
C CYS A 2 1.57 -0.09 7.95
N ARG A 3 1.07 0.13 6.76
CA ARG A 3 -0.29 0.71 6.62
C ARG A 3 -1.14 -0.17 5.71
N TYR A 4 -2.39 -0.36 6.05
CA TYR A 4 -3.27 -1.22 5.22
C TYR A 4 -3.72 -0.47 3.96
N LEU A 5 -4.78 -0.92 3.35
CA LEU A 5 -5.29 -0.27 2.12
C LEU A 5 -5.31 1.26 2.25
N PHE A 6 -5.32 1.93 1.13
CA PHE A 6 -5.36 3.42 1.12
C PHE A 6 -4.55 4.01 2.28
N GLY A 7 -3.46 3.39 2.62
CA GLY A 7 -2.62 3.93 3.73
C GLY A 7 -1.76 5.08 3.20
N GLY A 8 -1.67 6.16 3.93
CA GLY A 8 -0.85 7.32 3.45
C GLY A 8 0.59 6.87 3.22
N CYS A 9 0.93 6.51 2.01
CA CYS A 9 2.31 6.04 1.73
C CYS A 9 2.94 6.77 0.55
N LYS A 10 4.24 6.74 0.50
CA LYS A 10 4.97 7.39 -0.63
C LYS A 10 5.80 6.33 -1.35
N THR A 11 5.85 5.14 -0.80
CA THR A 11 6.64 4.05 -1.45
C THR A 11 5.94 2.70 -1.26
N THR A 12 6.25 1.74 -2.09
CA THR A 12 5.61 0.40 -1.96
C THR A 12 6.04 -0.30 -0.66
N ALA A 13 7.27 -0.15 -0.28
CA ALA A 13 7.75 -0.81 0.98
C ALA A 13 7.15 -0.12 2.20
N ASP A 14 6.36 0.89 2.01
CA ASP A 14 5.76 1.61 3.17
C ASP A 14 4.46 0.93 3.62
N CYS A 15 3.98 -0.04 2.88
CA CYS A 15 2.72 -0.72 3.29
C CYS A 15 3.02 -2.03 4.01
N CYS A 16 1.99 -2.77 4.33
CA CYS A 16 2.18 -4.08 5.03
C CYS A 16 2.70 -5.14 4.05
N LYS A 17 2.64 -6.38 4.42
CA LYS A 17 3.14 -7.46 3.50
C LYS A 17 2.06 -7.89 2.52
N HIS A 18 1.31 -6.95 2.03
CA HIS A 18 0.22 -7.27 1.04
C HIS A 18 -0.16 -6.01 0.27
N LEU A 19 -0.13 -4.89 0.92
CA LEU A 19 -0.52 -3.62 0.24
C LEU A 19 0.61 -3.12 -0.67
N ALA A 20 0.26 -2.41 -1.70
CA ALA A 20 1.29 -1.88 -2.64
C ALA A 20 1.07 -0.38 -2.84
N CYS A 21 1.88 0.43 -2.23
CA CYS A 21 1.71 1.91 -2.38
C CYS A 21 1.57 2.28 -3.85
N ARG A 22 0.37 2.59 -4.27
CA ARG A 22 0.16 2.97 -5.69
C ARG A 22 0.46 4.45 -5.89
N SER A 23 1.28 4.77 -6.87
CA SER A 23 1.64 6.19 -7.12
C SER A 23 0.39 6.99 -7.51
N ASP A 24 -0.70 6.33 -7.76
CA ASP A 24 -1.94 7.07 -8.14
C ASP A 24 -2.61 7.64 -6.89
N GLY A 25 -1.92 8.48 -6.18
CA GLY A 25 -2.50 9.07 -4.94
C GLY A 25 -1.65 8.67 -3.73
N LYS A 26 -0.52 8.07 -3.97
CA LYS A 26 0.35 7.64 -2.83
C LYS A 26 -0.47 6.91 -1.78
N TYR A 27 -1.13 5.85 -2.16
CA TYR A 27 -1.96 5.10 -1.17
C TYR A 27 -1.65 3.61 -1.25
N CYS A 28 -1.52 2.94 -0.12
CA CYS A 28 -1.20 1.49 -0.13
C CYS A 28 -2.44 0.63 -0.43
N ALA A 29 -2.34 -0.22 -1.41
CA ALA A 29 -3.50 -1.11 -1.76
C ALA A 29 -2.94 -2.42 -2.32
N TRP A 30 -3.39 -3.55 -1.82
CA TRP A 30 -2.84 -4.83 -2.33
C TRP A 30 -3.56 -5.26 -3.60
N ASP A 31 -3.03 -6.24 -4.29
CA ASP A 31 -3.67 -6.71 -5.54
C ASP A 31 -4.30 -8.08 -5.31
N GLY A 32 -5.60 -8.14 -5.14
CA GLY A 32 -6.25 -9.45 -4.91
C GLY A 32 -5.69 -10.08 -3.64
N THR A 33 -5.37 -11.35 -3.68
CA THR A 33 -4.81 -12.01 -2.47
C THR A 33 -3.28 -11.97 -2.51
N PHE A 34 -2.63 -13.08 -2.36
CA PHE A 34 -1.13 -13.09 -2.39
C PHE A 34 -0.63 -12.39 -3.66
N THR A 1 6.04 -0.28 11.91
CA THR A 1 4.88 -1.08 11.41
C THR A 1 4.55 -0.67 9.97
N CYS A 2 3.44 -1.13 9.45
CA CYS A 2 3.05 -0.77 8.05
C CYS A 2 1.67 -0.15 8.03
N ARG A 3 1.11 0.01 6.86
CA ARG A 3 -0.26 0.60 6.76
C ARG A 3 -1.16 -0.31 5.94
N TYR A 4 -2.45 -0.21 6.11
CA TYR A 4 -3.37 -1.09 5.34
C TYR A 4 -3.82 -0.40 4.05
N LEU A 5 -4.90 -0.86 3.48
CA LEU A 5 -5.41 -0.25 2.22
C LEU A 5 -5.46 1.27 2.30
N PHE A 6 -5.31 1.92 1.17
CA PHE A 6 -5.36 3.40 1.14
C PHE A 6 -4.54 4.02 2.27
N GLY A 7 -3.45 3.38 2.62
CA GLY A 7 -2.60 3.93 3.70
C GLY A 7 -1.72 5.05 3.14
N GLY A 8 -1.74 6.21 3.75
CA GLY A 8 -0.91 7.33 3.24
C GLY A 8 0.53 6.86 3.04
N CYS A 9 0.88 6.46 1.85
CA CYS A 9 2.25 5.97 1.60
C CYS A 9 2.95 6.75 0.48
N LYS A 10 4.25 6.71 0.49
CA LYS A 10 5.03 7.39 -0.57
C LYS A 10 5.83 6.34 -1.34
N THR A 11 5.78 5.11 -0.89
CA THR A 11 6.52 4.02 -1.60
C THR A 11 5.85 2.67 -1.35
N THR A 12 6.16 1.70 -2.17
CA THR A 12 5.52 0.35 -2.01
C THR A 12 5.98 -0.31 -0.70
N ALA A 13 7.22 -0.13 -0.33
CA ALA A 13 7.72 -0.76 0.92
C ALA A 13 7.12 -0.06 2.15
N ASP A 14 6.30 0.94 1.94
CA ASP A 14 5.69 1.65 3.10
C ASP A 14 4.38 0.98 3.52
N CYS A 15 3.96 -0.05 2.84
CA CYS A 15 2.68 -0.72 3.23
C CYS A 15 2.98 -2.02 3.99
N CYS A 16 1.94 -2.73 4.34
CA CYS A 16 2.13 -4.02 5.06
C CYS A 16 2.64 -5.09 4.09
N LYS A 17 2.70 -6.32 4.50
CA LYS A 17 3.21 -7.38 3.58
C LYS A 17 2.11 -7.88 2.65
N HIS A 18 1.35 -6.97 2.11
CA HIS A 18 0.26 -7.37 1.17
C HIS A 18 -0.17 -6.17 0.31
N LEU A 19 -0.15 -5.00 0.87
CA LEU A 19 -0.57 -3.79 0.11
C LEU A 19 0.58 -3.23 -0.72
N ALA A 20 0.25 -2.61 -1.82
CA ALA A 20 1.31 -2.03 -2.70
C ALA A 20 1.04 -0.54 -2.90
N CYS A 21 1.89 0.30 -2.35
CA CYS A 21 1.69 1.77 -2.51
C CYS A 21 1.61 2.14 -3.99
N ARG A 22 0.65 2.96 -4.34
CA ARG A 22 0.51 3.37 -5.78
C ARG A 22 0.73 4.87 -5.92
N SER A 23 1.57 5.26 -6.85
CA SER A 23 1.84 6.70 -7.07
C SER A 23 0.56 7.45 -7.46
N ASP A 24 -0.46 6.73 -7.81
CA ASP A 24 -1.74 7.40 -8.21
C ASP A 24 -2.49 7.83 -6.95
N GLY A 25 -1.90 8.68 -6.16
CA GLY A 25 -2.58 9.14 -4.91
C GLY A 25 -1.76 8.68 -3.70
N LYS A 26 -0.58 8.14 -3.94
CA LYS A 26 0.26 7.68 -2.80
C LYS A 26 -0.59 6.90 -1.80
N TYR A 27 -1.12 5.77 -2.20
CA TYR A 27 -1.96 4.98 -1.27
C TYR A 27 -1.61 3.49 -1.36
N CYS A 28 -1.57 2.80 -0.24
CA CYS A 28 -1.21 1.35 -0.27
C CYS A 28 -2.44 0.47 -0.44
N ALA A 29 -2.41 -0.42 -1.39
CA ALA A 29 -3.56 -1.36 -1.60
C ALA A 29 -3.03 -2.71 -2.10
N TRP A 30 -3.42 -3.79 -1.46
CA TRP A 30 -2.88 -5.12 -1.90
C TRP A 30 -3.61 -5.63 -3.14
N ASP A 31 -3.08 -6.65 -3.76
CA ASP A 31 -3.73 -7.20 -4.98
C ASP A 31 -4.65 -8.37 -4.60
N GLY A 32 -4.76 -8.67 -3.34
CA GLY A 32 -5.63 -9.79 -2.91
C GLY A 32 -7.10 -9.37 -2.97
N THR A 33 -7.99 -10.27 -2.69
CA THR A 33 -9.44 -9.91 -2.73
C THR A 33 -10.01 -9.87 -1.31
N PHE A 34 -9.41 -10.56 -0.39
CA PHE A 34 -9.91 -10.56 1.01
C PHE A 34 -8.77 -10.82 2.00
N THR A 1 5.81 -2.89 11.58
CA THR A 1 4.72 -1.87 11.47
C THR A 1 4.53 -1.48 10.00
N CYS A 2 3.30 -1.32 9.56
CA CYS A 2 3.06 -0.93 8.14
C CYS A 2 1.68 -0.30 8.00
N ARG A 3 1.30 0.02 6.79
CA ARG A 3 -0.04 0.65 6.57
C ARG A 3 -0.92 -0.29 5.74
N TYR A 4 -2.21 -0.22 5.92
CA TYR A 4 -3.11 -1.12 5.14
C TYR A 4 -3.66 -0.40 3.91
N LEU A 5 -4.70 -0.92 3.33
CA LEU A 5 -5.29 -0.29 2.11
C LEU A 5 -5.39 1.23 2.25
N PHE A 6 -5.23 1.93 1.16
CA PHE A 6 -5.35 3.41 1.18
C PHE A 6 -4.52 4.02 2.31
N GLY A 7 -3.45 3.39 2.69
CA GLY A 7 -2.59 3.95 3.78
C GLY A 7 -1.70 5.04 3.20
N GLY A 8 -1.84 6.26 3.65
CA GLY A 8 -0.99 7.37 3.12
C GLY A 8 0.45 6.89 2.95
N CYS A 9 0.83 6.52 1.77
CA CYS A 9 2.21 6.01 1.54
C CYS A 9 2.93 6.78 0.43
N LYS A 10 4.23 6.74 0.47
CA LYS A 10 5.04 7.42 -0.56
C LYS A 10 5.81 6.35 -1.35
N THR A 11 5.72 5.12 -0.91
CA THR A 11 6.43 4.02 -1.62
C THR A 11 5.79 2.67 -1.28
N THR A 12 6.03 1.68 -2.09
CA THR A 12 5.42 0.33 -1.83
C THR A 12 5.96 -0.27 -0.53
N ALA A 13 7.19 -0.01 -0.20
CA ALA A 13 7.76 -0.57 1.06
C ALA A 13 7.13 0.08 2.29
N ASP A 14 6.25 1.03 2.10
CA ASP A 14 5.61 1.70 3.26
C ASP A 14 4.30 0.99 3.64
N CYS A 15 4.00 -0.13 3.03
CA CYS A 15 2.73 -0.83 3.37
C CYS A 15 3.03 -2.16 4.09
N CYS A 16 2.01 -2.88 4.43
CA CYS A 16 2.20 -4.19 5.10
C CYS A 16 2.69 -5.24 4.09
N LYS A 17 2.68 -6.49 4.46
CA LYS A 17 3.14 -7.55 3.52
C LYS A 17 2.00 -8.01 2.61
N HIS A 18 1.24 -7.07 2.10
CA HIS A 18 0.11 -7.40 1.19
C HIS A 18 -0.29 -6.17 0.37
N LEU A 19 -0.15 -5.00 0.92
CA LEU A 19 -0.54 -3.77 0.20
C LEU A 19 0.50 -3.39 -0.85
N ALA A 20 0.18 -2.41 -1.65
CA ALA A 20 1.13 -1.96 -2.71
C ALA A 20 0.98 -0.45 -2.93
N CYS A 21 1.82 0.33 -2.32
CA CYS A 21 1.72 1.82 -2.49
C CYS A 21 1.60 2.17 -3.97
N ARG A 22 0.64 2.97 -4.32
CA ARG A 22 0.46 3.37 -5.75
C ARG A 22 0.72 4.87 -5.92
N SER A 23 1.48 5.23 -6.92
CA SER A 23 1.79 6.66 -7.16
C SER A 23 0.52 7.43 -7.52
N ASP A 24 -0.49 6.75 -7.97
CA ASP A 24 -1.76 7.44 -8.34
C ASP A 24 -2.56 7.77 -7.08
N GLY A 25 -2.03 8.61 -6.24
CA GLY A 25 -2.74 8.97 -4.99
C GLY A 25 -1.85 8.60 -3.79
N LYS A 26 -0.67 8.12 -4.04
CA LYS A 26 0.23 7.74 -2.92
C LYS A 26 -0.55 6.98 -1.85
N TYR A 27 -1.00 5.79 -2.16
CA TYR A 27 -1.78 5.01 -1.15
C TYR A 27 -1.46 3.51 -1.27
N CYS A 28 -1.36 2.82 -0.16
CA CYS A 28 -1.04 1.37 -0.20
C CYS A 28 -2.31 0.52 -0.38
N ALA A 29 -2.32 -0.32 -1.39
CA ALA A 29 -3.50 -1.21 -1.62
C ALA A 29 -3.02 -2.58 -2.08
N TRP A 30 -3.47 -3.64 -1.46
CA TRP A 30 -3.00 -4.99 -1.88
C TRP A 30 -3.74 -5.46 -3.13
N ASP A 31 -3.38 -6.61 -3.65
CA ASP A 31 -4.06 -7.13 -4.87
C ASP A 31 -4.75 -8.46 -4.57
N GLY A 32 -5.45 -8.55 -3.48
CA GLY A 32 -6.13 -9.84 -3.14
C GLY A 32 -7.00 -10.29 -4.33
N THR A 33 -8.26 -10.00 -4.30
CA THR A 33 -9.14 -10.41 -5.42
C THR A 33 -9.89 -9.20 -5.99
N PHE A 34 -11.13 -9.37 -6.35
CA PHE A 34 -11.91 -8.23 -6.92
C PHE A 34 -13.33 -8.22 -6.35
N THR A 1 3.24 -0.19 13.02
CA THR A 1 3.69 -1.07 11.90
C THR A 1 3.21 -0.52 10.55
N CYS A 2 3.30 -1.30 9.52
CA CYS A 2 2.85 -0.82 8.18
C CYS A 2 1.40 -0.32 8.24
N ARG A 3 0.86 0.04 7.12
CA ARG A 3 -0.54 0.52 7.08
C ARG A 3 -1.34 -0.33 6.10
N TYR A 4 -2.63 -0.38 6.25
CA TYR A 4 -3.44 -1.21 5.31
C TYR A 4 -3.92 -0.37 4.12
N LEU A 5 -4.90 -0.87 3.42
CA LEU A 5 -5.43 -0.15 2.22
C LEU A 5 -5.37 1.36 2.36
N PHE A 6 -5.33 2.03 1.23
CA PHE A 6 -5.28 3.52 1.21
C PHE A 6 -4.40 4.05 2.35
N GLY A 7 -3.34 3.38 2.65
CA GLY A 7 -2.43 3.85 3.73
C GLY A 7 -1.57 5.00 3.18
N GLY A 8 -1.59 6.13 3.85
CA GLY A 8 -0.77 7.30 3.36
C GLY A 8 0.68 6.87 3.18
N CYS A 9 1.05 6.46 1.99
CA CYS A 9 2.44 6.00 1.74
C CYS A 9 3.11 6.80 0.62
N LYS A 10 4.41 6.78 0.63
CA LYS A 10 5.18 7.48 -0.45
C LYS A 10 5.93 6.42 -1.25
N THR A 11 5.84 5.18 -0.82
CA THR A 11 6.55 4.08 -1.57
C THR A 11 5.84 2.75 -1.30
N THR A 12 6.14 1.75 -2.09
CA THR A 12 5.47 0.43 -1.89
C THR A 12 5.97 -0.25 -0.60
N ALA A 13 7.22 -0.06 -0.26
CA ALA A 13 7.75 -0.70 0.98
C ALA A 13 7.17 -0.02 2.22
N ASP A 14 6.35 0.98 2.06
CA ASP A 14 5.76 1.68 3.24
C ASP A 14 4.47 0.98 3.69
N CYS A 15 3.92 0.11 2.90
CA CYS A 15 2.66 -0.58 3.30
C CYS A 15 2.98 -1.89 4.01
N CYS A 16 1.96 -2.66 4.28
CA CYS A 16 2.17 -3.97 4.95
C CYS A 16 2.75 -4.97 3.95
N LYS A 17 2.88 -6.22 4.33
CA LYS A 17 3.44 -7.23 3.38
C LYS A 17 2.34 -7.78 2.47
N HIS A 18 1.52 -6.91 1.95
CA HIS A 18 0.42 -7.36 1.03
C HIS A 18 -0.06 -6.18 0.18
N LEU A 19 -0.06 -5.00 0.72
CA LEU A 19 -0.52 -3.81 -0.04
C LEU A 19 0.55 -3.30 -0.99
N ALA A 20 0.17 -2.42 -1.88
CA ALA A 20 1.16 -1.86 -2.84
C ALA A 20 0.93 -0.35 -2.97
N CYS A 21 1.82 0.44 -2.42
CA CYS A 21 1.66 1.91 -2.50
C CYS A 21 1.54 2.37 -3.96
N ARG A 22 0.34 2.44 -4.47
CA ARG A 22 0.16 2.88 -5.89
C ARG A 22 0.48 4.37 -6.02
N SER A 23 1.27 4.72 -7.00
CA SER A 23 1.63 6.15 -7.19
C SER A 23 0.40 6.98 -7.56
N ASP A 24 -0.70 6.34 -7.83
CA ASP A 24 -1.93 7.10 -8.20
C ASP A 24 -2.60 7.67 -6.93
N GLY A 25 -1.87 8.46 -6.19
CA GLY A 25 -2.44 9.05 -4.95
C GLY A 25 -1.59 8.63 -3.76
N LYS A 26 -0.43 8.07 -4.00
CA LYS A 26 0.44 7.63 -2.88
C LYS A 26 -0.40 6.91 -1.82
N TYR A 27 -1.03 5.83 -2.20
CA TYR A 27 -1.87 5.09 -1.21
C TYR A 27 -1.55 3.59 -1.28
N CYS A 28 -1.62 2.91 -0.16
CA CYS A 28 -1.30 1.45 -0.16
C CYS A 28 -2.54 0.60 -0.45
N ALA A 29 -2.45 -0.28 -1.39
CA ALA A 29 -3.61 -1.17 -1.71
C ALA A 29 -3.08 -2.48 -2.31
N TRP A 30 -3.38 -3.60 -1.69
CA TRP A 30 -2.87 -4.90 -2.22
C TRP A 30 -3.71 -5.34 -3.42
N ASP A 31 -3.21 -6.24 -4.21
CA ASP A 31 -3.99 -6.71 -5.39
C ASP A 31 -4.58 -8.10 -5.12
N GLY A 32 -5.83 -8.16 -4.78
CA GLY A 32 -6.45 -9.49 -4.50
C GLY A 32 -7.77 -9.60 -5.25
N THR A 33 -8.05 -10.74 -5.83
CA THR A 33 -9.32 -10.91 -6.58
C THR A 33 -10.15 -12.05 -5.98
N PHE A 34 -9.76 -13.27 -6.25
CA PHE A 34 -10.52 -14.43 -5.69
C PHE A 34 -10.82 -14.19 -4.20
N THR A 1 5.45 -2.80 11.54
CA THR A 1 4.77 -1.48 11.45
C THR A 1 4.57 -1.08 9.99
N CYS A 2 3.42 -1.32 9.44
CA CYS A 2 3.18 -0.96 8.01
C CYS A 2 1.85 -0.24 7.85
N ARG A 3 1.54 0.17 6.65
CA ARG A 3 0.25 0.86 6.40
C ARG A 3 -0.75 -0.12 5.80
N TYR A 4 -2.03 0.13 5.97
CA TYR A 4 -3.04 -0.80 5.41
C TYR A 4 -3.70 -0.19 4.18
N LEU A 5 -4.87 -0.67 3.86
CA LEU A 5 -5.61 -0.16 2.66
C LEU A 5 -5.42 1.35 2.49
N PHE A 6 -5.24 1.78 1.26
CA PHE A 6 -5.05 3.23 0.97
C PHE A 6 -4.23 3.90 2.08
N GLY A 7 -3.37 3.16 2.72
CA GLY A 7 -2.53 3.77 3.79
C GLY A 7 -1.70 4.91 3.21
N GLY A 8 -1.84 6.10 3.73
CA GLY A 8 -1.05 7.25 3.20
C GLY A 8 0.41 6.83 3.04
N CYS A 9 0.81 6.43 1.86
CA CYS A 9 2.21 5.98 1.65
C CYS A 9 2.89 6.76 0.53
N LYS A 10 4.19 6.76 0.56
CA LYS A 10 4.97 7.45 -0.50
C LYS A 10 5.80 6.40 -1.25
N THR A 11 5.74 5.17 -0.79
CA THR A 11 6.51 4.09 -1.47
C THR A 11 5.84 2.73 -1.23
N THR A 12 6.12 1.75 -2.04
CA THR A 12 5.49 0.41 -1.86
C THR A 12 5.95 -0.24 -0.56
N ALA A 13 7.19 -0.02 -0.17
CA ALA A 13 7.68 -0.64 1.09
C ALA A 13 7.02 0.03 2.30
N ASP A 14 6.21 1.02 2.08
CA ASP A 14 5.54 1.72 3.22
C ASP A 14 4.24 1.00 3.60
N CYS A 15 3.90 -0.08 2.93
CA CYS A 15 2.63 -0.78 3.28
C CYS A 15 2.95 -2.10 3.99
N CYS A 16 1.92 -2.83 4.34
CA CYS A 16 2.12 -4.14 5.02
C CYS A 16 2.58 -5.19 4.01
N LYS A 17 2.64 -6.43 4.41
CA LYS A 17 3.09 -7.50 3.47
C LYS A 17 1.95 -7.94 2.55
N HIS A 18 1.23 -7.02 2.01
CA HIS A 18 0.10 -7.38 1.09
C HIS A 18 -0.29 -6.17 0.24
N LEU A 19 -0.24 -4.99 0.82
CA LEU A 19 -0.63 -3.77 0.07
C LEU A 19 0.51 -3.30 -0.83
N ALA A 20 0.19 -2.48 -1.80
CA ALA A 20 1.22 -1.97 -2.73
C ALA A 20 1.03 -0.46 -2.92
N CYS A 21 1.87 0.34 -2.32
CA CYS A 21 1.72 1.81 -2.45
C CYS A 21 1.62 2.21 -3.92
N ARG A 22 0.54 2.83 -4.31
CA ARG A 22 0.38 3.25 -5.73
C ARG A 22 0.67 4.75 -5.87
N SER A 23 1.58 5.10 -6.72
CA SER A 23 1.93 6.54 -6.92
C SER A 23 0.72 7.33 -7.40
N ASP A 24 -0.27 6.67 -7.93
CA ASP A 24 -1.48 7.40 -8.41
C ASP A 24 -2.39 7.73 -7.22
N GLY A 25 -1.89 8.50 -6.29
CA GLY A 25 -2.71 8.86 -5.11
C GLY A 25 -1.93 8.55 -3.83
N LYS A 26 -0.71 8.09 -3.96
CA LYS A 26 0.10 7.77 -2.76
C LYS A 26 -0.75 6.96 -1.76
N TYR A 27 -1.22 5.81 -2.16
CA TYR A 27 -2.05 4.99 -1.23
C TYR A 27 -1.70 3.50 -1.35
N CYS A 28 -1.56 2.82 -0.25
CA CYS A 28 -1.21 1.37 -0.28
C CYS A 28 -2.44 0.51 -0.53
N ALA A 29 -2.39 -0.36 -1.51
CA ALA A 29 -3.54 -1.27 -1.78
C ALA A 29 -3.01 -2.62 -2.25
N TRP A 30 -3.42 -3.69 -1.60
CA TRP A 30 -2.91 -5.03 -2.01
C TRP A 30 -3.63 -5.53 -3.25
N ASP A 31 -3.09 -6.52 -3.91
CA ASP A 31 -3.74 -7.04 -5.15
C ASP A 31 -4.31 -8.44 -4.88
N GLY A 32 -4.26 -8.90 -3.67
CA GLY A 32 -4.80 -10.26 -3.35
C GLY A 32 -3.65 -11.27 -3.33
N THR A 33 -3.71 -12.24 -2.47
CA THR A 33 -2.62 -13.25 -2.39
C THR A 33 -3.05 -14.55 -3.09
N PHE A 34 -4.11 -15.15 -2.61
CA PHE A 34 -4.59 -16.42 -3.22
C PHE A 34 -5.50 -16.12 -4.40
N THR A 1 2.39 -1.38 12.80
CA THR A 1 3.39 -1.69 11.73
C THR A 1 2.80 -1.40 10.36
N CYS A 2 3.63 -1.03 9.42
CA CYS A 2 3.16 -0.71 8.03
C CYS A 2 1.76 -0.09 8.03
N ARG A 3 1.11 -0.13 6.91
CA ARG A 3 -0.26 0.44 6.82
C ARG A 3 -1.16 -0.48 6.00
N TYR A 4 -2.44 -0.27 6.04
CA TYR A 4 -3.36 -1.15 5.27
C TYR A 4 -3.84 -0.44 4.00
N LEU A 5 -4.92 -0.90 3.44
CA LEU A 5 -5.46 -0.30 2.19
C LEU A 5 -5.45 1.23 2.24
N PHE A 6 -5.22 1.85 1.13
CA PHE A 6 -5.22 3.34 1.06
C PHE A 6 -4.42 3.94 2.22
N GLY A 7 -3.41 3.24 2.67
CA GLY A 7 -2.58 3.79 3.79
C GLY A 7 -1.67 4.90 3.25
N GLY A 8 -1.78 6.09 3.80
CA GLY A 8 -0.92 7.21 3.31
C GLY A 8 0.51 6.71 3.11
N CYS A 9 0.91 6.51 1.88
CA CYS A 9 2.28 5.99 1.63
C CYS A 9 3.03 6.80 0.58
N LYS A 10 4.32 6.72 0.62
CA LYS A 10 5.17 7.42 -0.36
C LYS A 10 6.04 6.39 -1.08
N THR A 11 5.94 5.14 -0.67
CA THR A 11 6.75 4.07 -1.31
C THR A 11 6.04 2.72 -1.16
N THR A 12 6.47 1.72 -1.89
CA THR A 12 5.80 0.39 -1.78
C THR A 12 6.11 -0.27 -0.43
N ALA A 13 7.35 -0.28 -0.04
CA ALA A 13 7.71 -0.91 1.27
C ALA A 13 6.99 -0.19 2.42
N ASP A 14 6.42 0.95 2.15
CA ASP A 14 5.72 1.71 3.23
C ASP A 14 4.42 1.00 3.62
N CYS A 15 4.02 -0.01 2.89
CA CYS A 15 2.74 -0.71 3.23
C CYS A 15 3.03 -1.98 3.99
N CYS A 16 1.99 -2.70 4.34
CA CYS A 16 2.17 -3.99 5.06
C CYS A 16 2.65 -5.06 4.07
N LYS A 17 2.60 -6.30 4.45
CA LYS A 17 3.07 -7.37 3.51
C LYS A 17 1.95 -7.81 2.58
N HIS A 18 1.20 -6.88 2.04
CA HIS A 18 0.09 -7.25 1.10
C HIS A 18 -0.29 -6.05 0.22
N LEU A 19 -0.23 -4.87 0.75
CA LEU A 19 -0.62 -3.68 -0.05
C LEU A 19 0.55 -3.12 -0.86
N ALA A 20 0.24 -2.41 -1.91
CA ALA A 20 1.31 -1.82 -2.77
C ALA A 20 1.06 -0.32 -2.95
N CYS A 21 1.92 0.49 -2.41
CA CYS A 21 1.73 1.97 -2.54
C CYS A 21 1.61 2.36 -4.02
N ARG A 22 0.41 2.66 -4.47
CA ARG A 22 0.22 3.05 -5.89
C ARG A 22 0.48 4.54 -6.07
N SER A 23 1.16 4.92 -7.12
CA SER A 23 1.46 6.35 -7.36
C SER A 23 0.18 7.12 -7.70
N ASP A 24 -0.92 6.43 -7.88
CA ASP A 24 -2.19 7.13 -8.22
C ASP A 24 -2.80 7.73 -6.95
N GLY A 25 -2.07 8.57 -6.27
CA GLY A 25 -2.60 9.18 -5.02
C GLY A 25 -1.69 8.81 -3.85
N LYS A 26 -0.62 8.10 -4.12
CA LYS A 26 0.31 7.70 -3.02
C LYS A 26 -0.47 6.98 -1.91
N TYR A 27 -1.00 5.82 -2.21
CA TYR A 27 -1.77 5.06 -1.18
C TYR A 27 -1.47 3.56 -1.29
N CYS A 28 -1.32 2.89 -0.18
CA CYS A 28 -1.01 1.43 -0.23
C CYS A 28 -2.28 0.58 -0.37
N ALA A 29 -2.30 -0.27 -1.36
CA ALA A 29 -3.48 -1.16 -1.56
C ALA A 29 -3.01 -2.49 -2.16
N TRP A 30 -3.43 -3.60 -1.61
CA TRP A 30 -2.97 -4.91 -2.16
C TRP A 30 -3.76 -5.26 -3.42
N ASP A 31 -3.29 -6.22 -4.16
CA ASP A 31 -4.01 -6.60 -5.42
C ASP A 31 -5.05 -7.67 -5.13
N GLY A 32 -6.30 -7.29 -5.04
CA GLY A 32 -7.38 -8.29 -4.76
C GLY A 32 -8.74 -7.65 -5.01
N THR A 33 -9.70 -7.95 -4.19
CA THR A 33 -11.07 -7.36 -4.39
C THR A 33 -11.60 -6.80 -3.07
N PHE A 34 -12.11 -7.65 -2.22
CA PHE A 34 -12.64 -7.17 -0.91
C PHE A 34 -11.70 -7.57 0.22
N THR A 1 3.57 -2.20 12.04
CA THR A 1 4.74 -1.45 11.49
C THR A 1 4.44 -0.98 10.07
N CYS A 2 3.30 -1.34 9.54
CA CYS A 2 2.96 -0.90 8.16
C CYS A 2 1.55 -0.29 8.12
N ARG A 3 1.11 0.08 6.95
CA ARG A 3 -0.26 0.67 6.84
C ARG A 3 -1.11 -0.19 5.90
N TYR A 4 -2.36 -0.35 6.20
CA TYR A 4 -3.23 -1.18 5.33
C TYR A 4 -3.69 -0.41 4.10
N LEU A 5 -4.73 -0.85 3.48
CA LEU A 5 -5.24 -0.20 2.25
C LEU A 5 -5.26 1.33 2.37
N PHE A 6 -5.26 2.00 1.26
CA PHE A 6 -5.30 3.48 1.24
C PHE A 6 -4.46 4.06 2.37
N GLY A 7 -3.35 3.44 2.67
CA GLY A 7 -2.47 3.96 3.75
C GLY A 7 -1.58 5.08 3.18
N GLY A 8 -1.71 6.28 3.70
CA GLY A 8 -0.87 7.40 3.19
C GLY A 8 0.58 6.94 3.04
N CYS A 9 0.96 6.52 1.87
CA CYS A 9 2.36 6.03 1.67
C CYS A 9 3.07 6.78 0.56
N LYS A 10 4.36 6.76 0.60
CA LYS A 10 5.17 7.43 -0.45
C LYS A 10 5.98 6.35 -1.19
N THR A 11 5.95 5.14 -0.69
CA THR A 11 6.70 4.04 -1.36
C THR A 11 5.95 2.72 -1.19
N THR A 12 6.27 1.72 -1.98
CA THR A 12 5.57 0.41 -1.85
C THR A 12 5.97 -0.29 -0.55
N ALA A 13 7.20 -0.14 -0.14
CA ALA A 13 7.64 -0.81 1.14
C ALA A 13 7.02 -0.11 2.34
N ASP A 14 6.28 0.94 2.12
CA ASP A 14 5.64 1.67 3.26
C ASP A 14 4.34 0.97 3.68
N CYS A 15 3.91 -0.03 2.95
CA CYS A 15 2.64 -0.72 3.32
C CYS A 15 2.95 -2.03 4.03
N CYS A 16 1.95 -2.78 4.36
CA CYS A 16 2.15 -4.09 5.03
C CYS A 16 2.70 -5.10 4.02
N LYS A 17 2.69 -6.36 4.35
CA LYS A 17 3.23 -7.38 3.41
C LYS A 17 2.15 -7.86 2.43
N HIS A 18 1.38 -6.95 1.90
CA HIS A 18 0.32 -7.34 0.93
C HIS A 18 -0.11 -6.13 0.09
N LEU A 19 -0.12 -4.97 0.68
CA LEU A 19 -0.55 -3.75 -0.08
C LEU A 19 0.60 -3.18 -0.91
N ALA A 20 0.25 -2.48 -1.96
CA ALA A 20 1.29 -1.86 -2.83
C ALA A 20 1.04 -0.35 -2.95
N CYS A 21 1.90 0.45 -2.43
CA CYS A 21 1.70 1.93 -2.51
C CYS A 21 1.54 2.37 -3.96
N ARG A 22 0.33 2.57 -4.40
CA ARG A 22 0.11 3.00 -5.82
C ARG A 22 0.47 4.49 -5.96
N SER A 23 1.26 4.81 -6.96
CA SER A 23 1.66 6.23 -7.17
C SER A 23 0.46 7.08 -7.55
N ASP A 24 -0.61 6.47 -7.98
CA ASP A 24 -1.82 7.24 -8.37
C ASP A 24 -2.60 7.66 -7.12
N GLY A 25 -2.01 8.48 -6.28
CA GLY A 25 -2.72 8.92 -5.05
C GLY A 25 -1.94 8.44 -3.83
N LYS A 26 -0.65 8.21 -3.99
CA LYS A 26 0.22 7.74 -2.87
C LYS A 26 -0.61 6.99 -1.82
N TYR A 27 -1.14 5.85 -2.18
CA TYR A 27 -1.96 5.07 -1.20
C TYR A 27 -1.63 3.58 -1.29
N CYS A 28 -1.51 2.92 -0.16
CA CYS A 28 -1.16 1.47 -0.19
C CYS A 28 -2.42 0.62 -0.39
N ALA A 29 -2.36 -0.31 -1.31
CA ALA A 29 -3.53 -1.21 -1.56
C ALA A 29 -3.02 -2.52 -2.18
N TRP A 30 -3.40 -3.64 -1.61
CA TRP A 30 -2.91 -4.94 -2.18
C TRP A 30 -3.72 -5.32 -3.41
N ASP A 31 -3.25 -6.25 -4.19
CA ASP A 31 -3.99 -6.66 -5.41
C ASP A 31 -4.98 -7.79 -5.12
N GLY A 32 -6.18 -7.45 -4.76
CA GLY A 32 -7.20 -8.50 -4.45
C GLY A 32 -6.56 -9.63 -3.65
N THR A 33 -6.17 -10.69 -4.31
CA THR A 33 -5.54 -11.82 -3.58
C THR A 33 -4.70 -12.67 -4.55
N PHE A 34 -5.34 -13.30 -5.48
CA PHE A 34 -4.60 -14.14 -6.47
C PHE A 34 -5.21 -14.00 -7.86
N THR A 1 5.68 -3.53 11.13
CA THR A 1 5.06 -2.17 11.11
C THR A 1 4.73 -1.75 9.67
N CYS A 2 3.53 -1.32 9.43
CA CYS A 2 3.16 -0.89 8.06
C CYS A 2 1.77 -0.27 8.03
N ARG A 3 1.29 0.08 6.87
CA ARG A 3 -0.07 0.68 6.77
C ARG A 3 -0.97 -0.24 5.94
N TYR A 4 -2.26 -0.17 6.14
CA TYR A 4 -3.17 -1.05 5.35
C TYR A 4 -3.72 -0.34 4.11
N LEU A 5 -4.77 -0.84 3.57
CA LEU A 5 -5.38 -0.23 2.34
C LEU A 5 -5.37 1.30 2.41
N PHE A 6 -5.34 1.93 1.26
CA PHE A 6 -5.34 3.41 1.19
C PHE A 6 -4.54 4.02 2.34
N GLY A 7 -3.50 3.37 2.75
CA GLY A 7 -2.66 3.92 3.86
C GLY A 7 -1.76 5.03 3.30
N GLY A 8 -1.84 6.21 3.85
CA GLY A 8 -0.99 7.34 3.34
C GLY A 8 0.44 6.82 3.11
N CYS A 9 0.79 6.55 1.88
CA CYS A 9 2.15 6.03 1.60
C CYS A 9 2.83 6.76 0.46
N LYS A 10 4.12 6.70 0.42
CA LYS A 10 4.89 7.35 -0.66
C LYS A 10 5.77 6.30 -1.34
N THR A 11 5.75 5.09 -0.82
CA THR A 11 6.59 4.01 -1.43
C THR A 11 5.89 2.65 -1.26
N THR A 12 6.29 1.68 -2.04
CA THR A 12 5.65 0.33 -1.92
C THR A 12 6.01 -0.32 -0.59
N ALA A 13 7.23 -0.18 -0.15
CA ALA A 13 7.64 -0.81 1.14
C ALA A 13 6.99 -0.07 2.31
N ASP A 14 6.24 0.96 2.04
CA ASP A 14 5.58 1.72 3.15
C ASP A 14 4.31 0.99 3.61
N CYS A 15 3.87 0.00 2.88
CA CYS A 15 2.63 -0.72 3.29
C CYS A 15 2.98 -2.03 3.98
N CYS A 16 1.99 -2.79 4.34
CA CYS A 16 2.22 -4.09 5.00
C CYS A 16 2.73 -5.11 3.96
N LYS A 17 2.81 -6.35 4.31
CA LYS A 17 3.32 -7.37 3.34
C LYS A 17 2.21 -7.83 2.38
N HIS A 18 1.42 -6.92 1.90
CA HIS A 18 0.33 -7.28 0.94
C HIS A 18 -0.13 -6.06 0.16
N LEU A 19 -0.16 -4.92 0.80
CA LEU A 19 -0.62 -3.68 0.10
C LEU A 19 0.51 -3.09 -0.74
N ALA A 20 0.17 -2.56 -1.89
CA ALA A 20 1.20 -1.96 -2.77
C ALA A 20 0.95 -0.46 -2.92
N CYS A 21 1.81 0.35 -2.36
CA CYS A 21 1.62 1.82 -2.46
C CYS A 21 1.52 2.27 -3.92
N ARG A 22 0.36 2.68 -4.33
CA ARG A 22 0.20 3.14 -5.75
C ARG A 22 0.62 4.61 -5.87
N SER A 23 1.50 4.90 -6.80
CA SER A 23 1.96 6.29 -6.97
C SER A 23 0.80 7.20 -7.40
N ASP A 24 -0.21 6.64 -8.02
CA ASP A 24 -1.37 7.48 -8.45
C ASP A 24 -2.28 7.77 -7.25
N GLY A 25 -1.81 8.57 -6.34
CA GLY A 25 -2.64 8.88 -5.13
C GLY A 25 -1.83 8.54 -3.87
N LYS A 26 -0.64 8.03 -4.04
CA LYS A 26 0.20 7.68 -2.85
C LYS A 26 -0.66 6.95 -1.81
N TYR A 27 -1.17 5.80 -2.16
CA TYR A 27 -2.01 5.04 -1.19
C TYR A 27 -1.70 3.54 -1.27
N CYS A 28 -1.60 2.89 -0.14
CA CYS A 28 -1.27 1.43 -0.14
C CYS A 28 -2.52 0.57 -0.37
N ALA A 29 -2.47 -0.29 -1.35
CA ALA A 29 -3.63 -1.18 -1.63
C ALA A 29 -3.08 -2.52 -2.16
N TRP A 30 -3.43 -3.62 -1.55
CA TRP A 30 -2.88 -4.92 -2.04
C TRP A 30 -3.64 -5.39 -3.28
N ASP A 31 -3.14 -6.37 -3.96
CA ASP A 31 -3.81 -6.87 -5.19
C ASP A 31 -4.50 -8.22 -4.90
N GLY A 32 -4.44 -8.68 -3.68
CA GLY A 32 -5.09 -9.98 -3.35
C GLY A 32 -4.48 -11.09 -4.19
N THR A 33 -5.25 -12.09 -4.52
CA THR A 33 -4.71 -13.21 -5.35
C THR A 33 -4.76 -12.85 -6.83
N PHE A 34 -5.81 -13.21 -7.52
CA PHE A 34 -5.91 -12.89 -8.97
C PHE A 34 -4.60 -13.21 -9.68
N THR A 1 1.91 -2.15 12.11
CA THR A 1 2.73 -0.92 11.92
C THR A 1 2.65 -0.46 10.45
N CYS A 2 2.89 -1.35 9.53
CA CYS A 2 2.83 -0.96 8.10
C CYS A 2 1.54 -0.20 7.79
N ARG A 3 1.35 0.18 6.56
CA ARG A 3 0.11 0.92 6.19
C ARG A 3 -0.87 -0.02 5.47
N TYR A 4 -2.10 -0.06 5.90
CA TYR A 4 -3.08 -0.97 5.24
C TYR A 4 -3.66 -0.31 3.98
N LEU A 5 -4.78 -0.78 3.54
CA LEU A 5 -5.42 -0.21 2.31
C LEU A 5 -5.43 1.31 2.34
N PHE A 6 -5.28 1.91 1.19
CA PHE A 6 -5.30 3.40 1.10
C PHE A 6 -4.48 4.03 2.22
N GLY A 7 -3.45 3.37 2.66
CA GLY A 7 -2.60 3.94 3.75
C GLY A 7 -1.71 5.04 3.18
N GLY A 8 -1.77 6.23 3.74
CA GLY A 8 -0.93 7.35 3.23
C GLY A 8 0.52 6.87 3.08
N CYS A 9 0.93 6.55 1.88
CA CYS A 9 2.32 6.06 1.66
C CYS A 9 3.03 6.81 0.54
N LYS A 10 4.32 6.78 0.57
CA LYS A 10 5.13 7.44 -0.49
C LYS A 10 5.91 6.36 -1.25
N THR A 11 5.84 5.14 -0.77
CA THR A 11 6.58 4.03 -1.45
C THR A 11 5.89 2.69 -1.18
N THR A 12 6.21 1.68 -1.93
CA THR A 12 5.56 0.35 -1.71
C THR A 12 6.08 -0.28 -0.41
N ALA A 13 7.30 0.00 -0.05
CA ALA A 13 7.86 -0.59 1.20
C ALA A 13 7.24 0.07 2.44
N ASP A 14 6.34 0.99 2.23
CA ASP A 14 5.70 1.68 3.40
C ASP A 14 4.38 0.99 3.77
N CYS A 15 3.99 -0.02 3.04
CA CYS A 15 2.70 -0.71 3.37
C CYS A 15 2.97 -2.05 4.04
N CYS A 16 1.92 -2.78 4.32
CA CYS A 16 2.07 -4.11 4.96
C CYS A 16 2.62 -5.11 3.95
N LYS A 17 2.69 -6.36 4.28
CA LYS A 17 3.24 -7.37 3.32
C LYS A 17 2.14 -7.85 2.36
N HIS A 18 1.35 -6.93 1.87
CA HIS A 18 0.26 -7.31 0.91
C HIS A 18 -0.17 -6.09 0.11
N LEU A 19 -0.19 -4.93 0.72
CA LEU A 19 -0.62 -3.71 0.00
C LEU A 19 0.53 -3.11 -0.81
N ALA A 20 0.22 -2.52 -1.93
CA ALA A 20 1.27 -1.91 -2.78
C ALA A 20 1.03 -0.40 -2.91
N CYS A 21 1.89 0.40 -2.35
CA CYS A 21 1.72 1.87 -2.42
C CYS A 21 1.57 2.32 -3.88
N ARG A 22 0.36 2.42 -4.36
CA ARG A 22 0.14 2.84 -5.77
C ARG A 22 0.47 4.33 -5.94
N SER A 23 1.19 4.67 -6.98
CA SER A 23 1.56 6.09 -7.21
C SER A 23 0.30 6.92 -7.51
N ASP A 24 -0.83 6.30 -7.66
CA ASP A 24 -2.07 7.07 -7.97
C ASP A 24 -2.63 7.69 -6.69
N GLY A 25 -1.93 8.66 -6.15
CA GLY A 25 -2.42 9.31 -4.90
C GLY A 25 -1.57 8.85 -3.72
N LYS A 26 -0.53 8.10 -3.98
CA LYS A 26 0.34 7.62 -2.87
C LYS A 26 -0.50 6.90 -1.80
N TYR A 27 -1.06 5.77 -2.14
CA TYR A 27 -1.90 5.02 -1.16
C TYR A 27 -1.58 3.53 -1.24
N CYS A 28 -1.52 2.85 -0.13
CA CYS A 28 -1.19 1.39 -0.17
C CYS A 28 -2.44 0.53 -0.40
N ALA A 29 -2.41 -0.33 -1.38
CA ALA A 29 -3.56 -1.22 -1.66
C ALA A 29 -3.04 -2.56 -2.21
N TRP A 30 -3.43 -3.66 -1.62
CA TRP A 30 -2.92 -4.98 -2.12
C TRP A 30 -3.67 -5.41 -3.37
N ASP A 31 -3.15 -6.38 -4.07
CA ASP A 31 -3.83 -6.85 -5.31
C ASP A 31 -4.73 -8.05 -5.01
N GLY A 32 -4.48 -8.72 -3.91
CA GLY A 32 -5.32 -9.89 -3.55
C GLY A 32 -4.99 -11.06 -4.47
N THR A 33 -3.76 -11.51 -4.45
CA THR A 33 -3.37 -12.66 -5.32
C THR A 33 -2.16 -13.39 -4.72
N PHE A 34 -1.36 -14.00 -5.55
CA PHE A 34 -0.17 -14.74 -5.03
C PHE A 34 0.67 -15.28 -6.18
N THR A 1 3.41 -2.94 11.81
CA THR A 1 4.26 -1.74 11.59
C THR A 1 4.18 -1.29 10.12
N CYS A 2 3.00 -1.25 9.58
CA CYS A 2 2.84 -0.83 8.15
C CYS A 2 1.52 -0.11 7.94
N ARG A 3 1.25 0.33 6.75
CA ARG A 3 -0.03 1.03 6.48
C ARG A 3 -0.97 0.10 5.72
N TYR A 4 -2.18 -0.05 6.19
CA TYR A 4 -3.15 -0.95 5.51
C TYR A 4 -3.72 -0.30 4.25
N LEU A 5 -4.83 -0.81 3.78
CA LEU A 5 -5.47 -0.26 2.54
C LEU A 5 -5.34 1.26 2.46
N PHE A 6 -5.23 1.77 1.27
CA PHE A 6 -5.13 3.24 1.06
C PHE A 6 -4.31 3.90 2.17
N GLY A 7 -3.35 3.20 2.71
CA GLY A 7 -2.51 3.79 3.78
C GLY A 7 -1.67 4.93 3.20
N GLY A 8 -1.77 6.11 3.76
CA GLY A 8 -0.98 7.26 3.24
C GLY A 8 0.48 6.84 3.05
N CYS A 9 0.84 6.43 1.86
CA CYS A 9 2.24 5.98 1.62
C CYS A 9 2.91 6.76 0.50
N LYS A 10 4.21 6.76 0.52
CA LYS A 10 4.99 7.45 -0.54
C LYS A 10 5.81 6.39 -1.29
N THR A 11 5.77 5.17 -0.81
CA THR A 11 6.54 4.08 -1.49
C THR A 11 5.83 2.73 -1.27
N THR A 12 6.15 1.76 -2.07
CA THR A 12 5.49 0.42 -1.91
C THR A 12 5.97 -0.27 -0.63
N ALA A 13 7.21 -0.10 -0.27
CA ALA A 13 7.72 -0.75 0.97
C ALA A 13 7.13 -0.08 2.22
N ASP A 14 6.31 0.92 2.04
CA ASP A 14 5.71 1.60 3.23
C ASP A 14 4.39 0.95 3.63
N CYS A 15 3.98 -0.08 2.94
CA CYS A 15 2.69 -0.75 3.31
C CYS A 15 2.96 -2.06 4.05
N CYS A 16 1.92 -2.76 4.37
CA CYS A 16 2.08 -4.07 5.07
C CYS A 16 2.63 -5.10 4.10
N LYS A 17 2.68 -6.35 4.48
CA LYS A 17 3.22 -7.39 3.57
C LYS A 17 2.13 -7.89 2.60
N HIS A 18 1.37 -6.99 2.06
CA HIS A 18 0.28 -7.40 1.11
C HIS A 18 -0.15 -6.22 0.23
N LEU A 19 -0.12 -5.03 0.76
CA LEU A 19 -0.55 -3.85 -0.03
C LEU A 19 0.54 -3.37 -0.98
N ALA A 20 0.19 -2.47 -1.87
CA ALA A 20 1.18 -1.94 -2.84
C ALA A 20 0.97 -0.43 -3.01
N CYS A 21 1.82 0.37 -2.45
CA CYS A 21 1.66 1.85 -2.56
C CYS A 21 1.54 2.27 -4.03
N ARG A 22 0.40 2.77 -4.43
CA ARG A 22 0.23 3.20 -5.85
C ARG A 22 0.61 4.68 -5.98
N SER A 23 1.47 4.99 -6.92
CA SER A 23 1.90 6.40 -7.10
C SER A 23 0.70 7.30 -7.38
N ASP A 24 -0.38 6.74 -7.89
CA ASP A 24 -1.57 7.58 -8.18
C ASP A 24 -2.35 7.83 -6.88
N GLY A 25 -1.96 8.84 -6.15
CA GLY A 25 -2.66 9.14 -4.87
C GLY A 25 -1.81 8.64 -3.69
N LYS A 26 -0.64 8.12 -3.97
CA LYS A 26 0.22 7.62 -2.88
C LYS A 26 -0.61 6.84 -1.85
N TYR A 27 -1.16 5.72 -2.24
CA TYR A 27 -1.99 4.93 -1.28
C TYR A 27 -1.64 3.44 -1.37
N CYS A 28 -1.49 2.79 -0.25
CA CYS A 28 -1.14 1.34 -0.27
C CYS A 28 -2.39 0.47 -0.47
N ALA A 29 -2.36 -0.40 -1.44
CA ALA A 29 -3.53 -1.29 -1.69
C ALA A 29 -3.03 -2.65 -2.21
N TRP A 30 -3.42 -3.72 -1.59
CA TRP A 30 -2.95 -5.05 -2.08
C TRP A 30 -3.76 -5.49 -3.29
N ASP A 31 -3.32 -6.51 -3.97
CA ASP A 31 -4.07 -6.98 -5.18
C ASP A 31 -4.93 -8.20 -4.83
N GLY A 32 -4.76 -8.74 -3.64
CA GLY A 32 -5.57 -9.92 -3.24
C GLY A 32 -5.52 -10.97 -4.35
N THR A 33 -4.41 -11.10 -5.02
CA THR A 33 -4.30 -12.10 -6.12
C THR A 33 -3.30 -13.19 -5.74
N PHE A 34 -2.55 -12.98 -4.70
CA PHE A 34 -1.54 -14.00 -4.28
C PHE A 34 -1.15 -13.80 -2.81
N THR A 1 2.13 -2.94 12.52
CA THR A 1 3.08 -2.00 11.86
C THR A 1 2.61 -1.66 10.44
N CYS A 2 3.52 -1.29 9.58
CA CYS A 2 3.16 -0.93 8.16
C CYS A 2 1.79 -0.25 8.10
N ARG A 3 1.24 -0.18 6.92
CA ARG A 3 -0.09 0.48 6.76
C ARG A 3 -1.03 -0.45 6.00
N TYR A 4 -2.30 -0.12 5.95
CA TYR A 4 -3.26 -1.01 5.23
C TYR A 4 -3.76 -0.33 3.96
N LEU A 5 -4.87 -0.77 3.46
CA LEU A 5 -5.44 -0.18 2.21
C LEU A 5 -5.54 1.34 2.31
N PHE A 6 -5.31 2.01 1.21
CA PHE A 6 -5.40 3.49 1.19
C PHE A 6 -4.58 4.11 2.32
N GLY A 7 -3.51 3.47 2.70
CA GLY A 7 -2.66 4.03 3.79
C GLY A 7 -1.77 5.13 3.21
N GLY A 8 -1.78 6.30 3.79
CA GLY A 8 -0.93 7.41 3.28
C GLY A 8 0.51 6.90 3.10
N CYS A 9 0.88 6.58 1.89
CA CYS A 9 2.26 6.06 1.65
C CYS A 9 2.99 6.83 0.58
N LYS A 10 4.28 6.76 0.60
CA LYS A 10 5.12 7.44 -0.41
C LYS A 10 5.94 6.38 -1.15
N THR A 11 5.86 5.15 -0.71
CA THR A 11 6.64 4.06 -1.38
C THR A 11 5.91 2.72 -1.21
N THR A 12 6.24 1.76 -2.03
CA THR A 12 5.56 0.43 -1.92
C THR A 12 5.93 -0.24 -0.59
N ALA A 13 7.17 -0.17 -0.21
CA ALA A 13 7.59 -0.81 1.07
C ALA A 13 6.94 -0.09 2.26
N ASP A 14 6.28 1.01 2.01
CA ASP A 14 5.63 1.76 3.14
C ASP A 14 4.32 1.09 3.53
N CYS A 15 4.01 -0.06 2.97
CA CYS A 15 2.73 -0.73 3.33
C CYS A 15 3.01 -2.05 4.04
N CYS A 16 1.98 -2.77 4.38
CA CYS A 16 2.16 -4.08 5.07
C CYS A 16 2.67 -5.12 4.07
N LYS A 17 2.65 -6.37 4.43
CA LYS A 17 3.16 -7.43 3.51
C LYS A 17 2.09 -7.89 2.52
N HIS A 18 1.37 -6.97 1.96
CA HIS A 18 0.31 -7.36 0.97
C HIS A 18 -0.11 -6.16 0.11
N LEU A 19 -0.11 -4.99 0.69
CA LEU A 19 -0.53 -3.78 -0.07
C LEU A 19 0.58 -3.24 -0.96
N ALA A 20 0.23 -2.44 -1.92
CA ALA A 20 1.23 -1.86 -2.84
C ALA A 20 1.00 -0.35 -2.96
N CYS A 21 1.88 0.45 -2.41
CA CYS A 21 1.70 1.92 -2.48
C CYS A 21 1.60 2.37 -3.93
N ARG A 22 0.41 2.54 -4.44
CA ARG A 22 0.25 2.97 -5.86
C ARG A 22 0.59 4.47 -6.00
N SER A 23 1.40 4.81 -6.96
CA SER A 23 1.78 6.23 -7.16
C SER A 23 0.55 7.07 -7.49
N ASP A 24 -0.54 6.44 -7.86
CA ASP A 24 -1.77 7.22 -8.19
C ASP A 24 -2.48 7.64 -6.91
N GLY A 25 -2.03 8.70 -6.29
CA GLY A 25 -2.68 9.16 -5.03
C GLY A 25 -1.79 8.78 -3.84
N LYS A 26 -0.70 8.08 -4.09
CA LYS A 26 0.19 7.69 -2.97
C LYS A 26 -0.59 6.94 -1.90
N TYR A 27 -1.08 5.77 -2.22
CA TYR A 27 -1.87 4.99 -1.20
C TYR A 27 -1.52 3.50 -1.28
N CYS A 28 -1.45 2.84 -0.15
CA CYS A 28 -1.11 1.39 -0.16
C CYS A 28 -2.35 0.52 -0.33
N ALA A 29 -2.35 -0.35 -1.31
CA ALA A 29 -3.52 -1.26 -1.52
C ALA A 29 -3.02 -2.57 -2.13
N TRP A 30 -3.39 -3.69 -1.55
CA TRP A 30 -2.91 -5.00 -2.10
C TRP A 30 -3.73 -5.40 -3.32
N ASP A 31 -3.25 -6.35 -4.09
CA ASP A 31 -3.99 -6.78 -5.30
C ASP A 31 -4.82 -8.03 -4.99
N GLY A 32 -4.76 -8.52 -3.79
CA GLY A 32 -5.54 -9.73 -3.43
C GLY A 32 -4.59 -10.91 -3.22
N THR A 33 -4.90 -11.79 -2.30
CA THR A 33 -4.02 -12.95 -2.05
C THR A 33 -4.84 -14.19 -1.72
N PHE A 34 -4.24 -15.17 -1.10
CA PHE A 34 -4.99 -16.41 -0.74
C PHE A 34 -5.19 -16.50 0.77
N THR A 1 5.95 -3.13 11.14
CA THR A 1 5.07 -1.93 11.15
C THR A 1 4.71 -1.53 9.72
N CYS A 2 3.47 -1.23 9.47
CA CYS A 2 3.06 -0.84 8.09
C CYS A 2 1.64 -0.26 8.10
N ARG A 3 1.09 -0.05 6.94
CA ARG A 3 -0.30 0.50 6.86
C ARG A 3 -1.16 -0.41 5.99
N TYR A 4 -2.45 -0.35 6.14
CA TYR A 4 -3.34 -1.21 5.31
C TYR A 4 -3.74 -0.48 4.03
N LEU A 5 -4.82 -0.91 3.44
CA LEU A 5 -5.29 -0.27 2.17
C LEU A 5 -5.38 1.24 2.31
N PHE A 6 -5.23 1.93 1.21
CA PHE A 6 -5.33 3.42 1.23
C PHE A 6 -4.51 4.02 2.37
N GLY A 7 -3.40 3.40 2.69
CA GLY A 7 -2.54 3.94 3.78
C GLY A 7 -1.62 5.03 3.21
N GLY A 8 -1.73 6.24 3.71
CA GLY A 8 -0.86 7.34 3.19
C GLY A 8 0.57 6.82 3.00
N CYS A 9 0.96 6.58 1.78
CA CYS A 9 2.33 6.05 1.54
C CYS A 9 3.04 6.80 0.41
N LYS A 10 4.33 6.70 0.40
CA LYS A 10 5.13 7.34 -0.67
C LYS A 10 5.94 6.27 -1.39
N THR A 11 5.86 5.05 -0.93
CA THR A 11 6.62 3.94 -1.58
C THR A 11 5.98 2.59 -1.24
N THR A 12 6.32 1.57 -2.00
CA THR A 12 5.73 0.22 -1.73
C THR A 12 6.23 -0.32 -0.38
N ALA A 13 7.41 0.04 0.02
CA ALA A 13 7.94 -0.44 1.33
C ALA A 13 7.24 0.25 2.50
N ASP A 14 6.29 1.09 2.21
CA ASP A 14 5.57 1.80 3.32
C ASP A 14 4.27 1.08 3.66
N CYS A 15 3.95 0.02 2.98
CA CYS A 15 2.69 -0.71 3.29
C CYS A 15 2.98 -2.02 4.01
N CYS A 16 1.96 -2.76 4.33
CA CYS A 16 2.16 -4.06 5.02
C CYS A 16 2.64 -5.10 4.00
N LYS A 17 2.70 -6.35 4.37
CA LYS A 17 3.16 -7.38 3.41
C LYS A 17 2.02 -7.86 2.52
N HIS A 18 1.27 -6.95 1.97
CA HIS A 18 0.14 -7.34 1.07
C HIS A 18 -0.25 -6.17 0.16
N LEU A 19 -0.20 -4.97 0.68
CA LEU A 19 -0.59 -3.79 -0.15
C LEU A 19 0.55 -3.29 -1.03
N ALA A 20 0.23 -2.46 -1.97
CA ALA A 20 1.28 -1.90 -2.88
C ALA A 20 1.07 -0.39 -2.98
N CYS A 21 1.97 0.38 -2.41
CA CYS A 21 1.82 1.86 -2.46
C CYS A 21 1.66 2.33 -3.92
N ARG A 22 0.44 2.53 -4.35
CA ARG A 22 0.23 2.99 -5.75
C ARG A 22 0.54 4.47 -5.89
N SER A 23 1.25 4.85 -6.92
CA SER A 23 1.61 6.27 -7.12
C SER A 23 0.38 7.10 -7.50
N ASP A 24 -0.70 6.46 -7.84
CA ASP A 24 -1.93 7.21 -8.24
C ASP A 24 -2.66 7.71 -6.99
N GLY A 25 -2.04 8.60 -6.25
CA GLY A 25 -2.70 9.12 -5.01
C GLY A 25 -1.80 8.82 -3.81
N LYS A 26 -0.73 8.11 -4.01
CA LYS A 26 0.18 7.78 -2.88
C LYS A 26 -0.59 7.04 -1.79
N TYR A 27 -1.07 5.87 -2.09
CA TYR A 27 -1.83 5.09 -1.08
C TYR A 27 -1.52 3.60 -1.22
N CYS A 28 -1.42 2.89 -0.12
CA CYS A 28 -1.09 1.43 -0.20
C CYS A 28 -2.35 0.59 -0.38
N ALA A 29 -2.34 -0.28 -1.35
CA ALA A 29 -3.53 -1.15 -1.58
C ALA A 29 -3.08 -2.47 -2.21
N TRP A 30 -3.45 -3.58 -1.65
CA TRP A 30 -3.01 -4.89 -2.23
C TRP A 30 -3.87 -5.25 -3.43
N ASP A 31 -3.44 -6.20 -4.22
CA ASP A 31 -4.24 -6.59 -5.42
C ASP A 31 -5.29 -7.63 -5.02
N GLY A 32 -5.17 -8.20 -3.85
CA GLY A 32 -6.15 -9.23 -3.41
C GLY A 32 -5.44 -10.56 -3.21
N THR A 33 -4.56 -10.91 -4.11
CA THR A 33 -3.83 -12.20 -3.98
C THR A 33 -2.44 -11.96 -3.39
N PHE A 34 -1.44 -12.65 -3.88
CA PHE A 34 -0.07 -12.45 -3.34
C PHE A 34 -0.06 -12.69 -1.82
N THR A 1 3.26 -0.65 12.43
CA THR A 1 4.46 -1.05 11.63
C THR A 1 4.28 -0.66 10.16
N CYS A 2 3.26 -1.17 9.52
CA CYS A 2 3.04 -0.83 8.09
C CYS A 2 1.71 -0.11 7.91
N ARG A 3 1.32 0.11 6.67
CA ARG A 3 0.03 0.80 6.42
C ARG A 3 -0.95 -0.16 5.74
N TYR A 4 -2.22 -0.01 5.98
CA TYR A 4 -3.21 -0.92 5.35
C TYR A 4 -3.82 -0.27 4.11
N LEU A 5 -4.98 -0.72 3.74
CA LEU A 5 -5.64 -0.17 2.53
C LEU A 5 -5.45 1.34 2.41
N PHE A 6 -5.25 1.81 1.21
CA PHE A 6 -5.08 3.27 0.98
C PHE A 6 -4.26 3.92 2.09
N GLY A 7 -3.40 3.19 2.73
CA GLY A 7 -2.57 3.78 3.81
C GLY A 7 -1.69 4.90 3.21
N GLY A 8 -1.86 6.11 3.66
CA GLY A 8 -1.03 7.24 3.12
C GLY A 8 0.43 6.78 3.01
N CYS A 9 0.86 6.45 1.82
CA CYS A 9 2.26 5.97 1.65
C CYS A 9 3.01 6.76 0.58
N LYS A 10 4.30 6.73 0.67
CA LYS A 10 5.16 7.43 -0.33
C LYS A 10 5.96 6.38 -1.09
N THR A 11 5.90 5.14 -0.64
CA THR A 11 6.65 4.06 -1.34
C THR A 11 5.91 2.72 -1.16
N THR A 12 6.21 1.75 -1.98
CA THR A 12 5.53 0.43 -1.87
C THR A 12 5.93 -0.28 -0.59
N ALA A 13 7.19 -0.23 -0.23
CA ALA A 13 7.64 -0.90 1.02
C ALA A 13 7.05 -0.21 2.25
N ASP A 14 6.37 0.89 2.05
CA ASP A 14 5.77 1.62 3.21
C ASP A 14 4.44 0.98 3.61
N CYS A 15 4.03 -0.07 2.95
CA CYS A 15 2.73 -0.71 3.31
C CYS A 15 2.99 -2.03 4.03
N CYS A 16 1.93 -2.72 4.37
CA CYS A 16 2.08 -4.02 5.07
C CYS A 16 2.60 -5.08 4.07
N LYS A 17 2.63 -6.32 4.46
CA LYS A 17 3.15 -7.37 3.53
C LYS A 17 2.06 -7.82 2.55
N HIS A 18 1.33 -6.89 2.00
CA HIS A 18 0.27 -7.26 1.01
C HIS A 18 -0.14 -6.06 0.17
N LEU A 19 -0.13 -4.89 0.75
CA LEU A 19 -0.55 -3.67 -0.02
C LEU A 19 0.58 -3.12 -0.87
N ALA A 20 0.24 -2.50 -1.97
CA ALA A 20 1.29 -1.92 -2.87
C ALA A 20 1.06 -0.41 -3.01
N CYS A 21 1.91 0.37 -2.42
CA CYS A 21 1.74 1.86 -2.51
C CYS A 21 1.58 2.30 -3.96
N ARG A 22 0.37 2.64 -4.35
CA ARG A 22 0.13 3.09 -5.75
C ARG A 22 0.50 4.57 -5.90
N SER A 23 1.33 4.89 -6.86
CA SER A 23 1.73 6.30 -7.06
C SER A 23 0.52 7.16 -7.42
N ASP A 24 -0.53 6.56 -7.89
CA ASP A 24 -1.75 7.36 -8.25
C ASP A 24 -2.54 7.71 -6.99
N GLY A 25 -2.02 8.61 -6.20
CA GLY A 25 -2.73 9.00 -4.95
C GLY A 25 -1.85 8.66 -3.74
N LYS A 26 -0.70 8.09 -3.97
CA LYS A 26 0.19 7.74 -2.83
C LYS A 26 -0.58 6.97 -1.76
N TYR A 27 -1.15 5.85 -2.13
CA TYR A 27 -1.93 5.05 -1.14
C TYR A 27 -1.64 3.55 -1.32
N CYS A 28 -1.44 2.84 -0.25
CA CYS A 28 -1.14 1.38 -0.36
C CYS A 28 -2.41 0.55 -0.58
N ALA A 29 -2.36 -0.35 -1.52
CA ALA A 29 -3.53 -1.23 -1.79
C ALA A 29 -3.03 -2.61 -2.25
N TRP A 30 -3.41 -3.66 -1.58
CA TRP A 30 -2.90 -5.00 -1.99
C TRP A 30 -3.69 -5.51 -3.20
N ASP A 31 -3.16 -6.51 -3.87
CA ASP A 31 -3.84 -7.05 -5.07
C ASP A 31 -4.76 -8.21 -4.68
N GLY A 32 -6.03 -8.11 -4.97
CA GLY A 32 -6.97 -9.21 -4.62
C GLY A 32 -8.27 -8.61 -4.10
N THR A 33 -9.17 -8.24 -4.97
CA THR A 33 -10.45 -7.65 -4.53
C THR A 33 -11.62 -8.23 -5.35
N PHE A 34 -12.82 -8.04 -4.90
CA PHE A 34 -13.99 -8.58 -5.66
C PHE A 34 -15.12 -7.55 -5.69
N THR A 1 4.59 -3.54 11.44
CA THR A 1 5.12 -2.16 11.18
C THR A 1 4.79 -1.73 9.75
N CYS A 2 3.56 -1.40 9.49
CA CYS A 2 3.17 -0.96 8.11
C CYS A 2 1.79 -0.32 8.13
N ARG A 3 1.25 -0.05 6.96
CA ARG A 3 -0.11 0.56 6.89
C ARG A 3 -1.04 -0.34 6.07
N TYR A 4 -2.31 -0.32 6.35
CA TYR A 4 -3.25 -1.18 5.59
C TYR A 4 -3.74 -0.47 4.33
N LEU A 5 -4.85 -0.91 3.81
CA LEU A 5 -5.40 -0.30 2.56
C LEU A 5 -5.36 1.22 2.58
N PHE A 6 -5.26 1.80 1.41
CA PHE A 6 -5.25 3.29 1.30
C PHE A 6 -4.41 3.91 2.41
N GLY A 7 -3.37 3.25 2.83
CA GLY A 7 -2.51 3.84 3.90
C GLY A 7 -1.64 4.95 3.30
N GLY A 8 -1.82 6.16 3.76
CA GLY A 8 -1.00 7.29 3.21
C GLY A 8 0.45 6.85 3.05
N CYS A 9 0.85 6.53 1.85
CA CYS A 9 2.24 6.06 1.63
C CYS A 9 2.94 6.83 0.53
N LYS A 10 4.24 6.82 0.56
CA LYS A 10 5.05 7.50 -0.48
C LYS A 10 5.86 6.44 -1.24
N THR A 11 5.81 5.21 -0.78
CA THR A 11 6.57 4.13 -1.47
C THR A 11 5.88 2.78 -1.23
N THR A 12 6.21 1.79 -2.02
CA THR A 12 5.57 0.44 -1.84
C THR A 12 6.00 -0.18 -0.51
N ALA A 13 7.22 0.02 -0.11
CA ALA A 13 7.70 -0.58 1.17
C ALA A 13 7.02 0.09 2.36
N ASP A 14 6.21 1.09 2.12
CA ASP A 14 5.52 1.78 3.26
C ASP A 14 4.22 1.06 3.63
N CYS A 15 3.91 -0.02 2.97
CA CYS A 15 2.65 -0.75 3.32
C CYS A 15 2.97 -2.06 4.01
N CYS A 16 1.95 -2.80 4.36
CA CYS A 16 2.15 -4.12 5.03
C CYS A 16 2.63 -5.15 3.99
N LYS A 17 2.71 -6.39 4.36
CA LYS A 17 3.18 -7.42 3.38
C LYS A 17 2.04 -7.90 2.49
N HIS A 18 1.27 -6.99 1.96
CA HIS A 18 0.13 -7.37 1.06
C HIS A 18 -0.26 -6.19 0.17
N LEU A 19 -0.20 -5.00 0.69
CA LEU A 19 -0.60 -3.80 -0.11
C LEU A 19 0.50 -3.38 -1.06
N ALA A 20 0.21 -2.37 -1.86
CA ALA A 20 1.21 -1.86 -2.83
C ALA A 20 1.02 -0.35 -2.99
N CYS A 21 1.88 0.43 -2.40
CA CYS A 21 1.74 1.91 -2.50
C CYS A 21 1.61 2.33 -3.97
N ARG A 22 0.43 2.67 -4.40
CA ARG A 22 0.24 3.09 -5.81
C ARG A 22 0.62 4.56 -6.00
N SER A 23 1.43 4.84 -6.99
CA SER A 23 1.85 6.25 -7.24
C SER A 23 0.64 7.11 -7.62
N ASP A 24 -0.42 6.49 -8.05
CA ASP A 24 -1.63 7.28 -8.43
C ASP A 24 -2.40 7.71 -7.18
N GLY A 25 -1.87 8.64 -6.45
CA GLY A 25 -2.56 9.10 -5.21
C GLY A 25 -1.71 8.76 -3.99
N LYS A 26 -0.64 8.03 -4.18
CA LYS A 26 0.23 7.67 -3.03
C LYS A 26 -0.58 6.94 -1.96
N TYR A 27 -1.13 5.80 -2.28
CA TYR A 27 -1.93 5.04 -1.28
C TYR A 27 -1.60 3.55 -1.36
N CYS A 28 -1.44 2.91 -0.22
CA CYS A 28 -1.11 1.46 -0.23
C CYS A 28 -2.37 0.61 -0.44
N ALA A 29 -2.36 -0.23 -1.44
CA ALA A 29 -3.54 -1.11 -1.71
C ALA A 29 -3.07 -2.45 -2.27
N TRP A 30 -3.48 -3.54 -1.67
CA TRP A 30 -3.04 -4.87 -2.17
C TRP A 30 -3.86 -5.25 -3.40
N ASP A 31 -3.39 -6.20 -4.16
CA ASP A 31 -4.14 -6.62 -5.38
C ASP A 31 -5.00 -7.86 -5.08
N GLY A 32 -6.26 -7.81 -5.41
CA GLY A 32 -7.14 -8.98 -5.15
C GLY A 32 -6.56 -10.22 -5.82
N THR A 33 -6.25 -11.23 -5.05
CA THR A 33 -5.68 -12.46 -5.65
C THR A 33 -6.31 -13.70 -5.00
N PHE A 34 -5.65 -14.83 -5.08
CA PHE A 34 -6.21 -16.06 -4.48
C PHE A 34 -5.73 -16.21 -3.03
N THR A 1 4.72 -2.57 11.43
CA THR A 1 5.01 -1.12 11.20
C THR A 1 4.62 -0.71 9.78
N CYS A 2 3.39 -0.94 9.41
CA CYS A 2 2.94 -0.56 8.04
C CYS A 2 1.48 -0.14 8.07
N ARG A 3 0.92 0.16 6.93
CA ARG A 3 -0.49 0.59 6.88
C ARG A 3 -1.27 -0.24 5.85
N TYR A 4 -2.48 -0.60 6.16
CA TYR A 4 -3.29 -1.41 5.22
C TYR A 4 -3.68 -0.58 3.99
N LEU A 5 -4.64 -1.03 3.26
CA LEU A 5 -5.08 -0.30 2.03
C LEU A 5 -5.16 1.21 2.26
N PHE A 6 -5.27 1.95 1.18
CA PHE A 6 -5.39 3.44 1.27
C PHE A 6 -4.58 4.00 2.43
N GLY A 7 -3.43 3.43 2.68
CA GLY A 7 -2.57 3.96 3.79
C GLY A 7 -1.66 5.05 3.23
N GLY A 8 -1.76 6.26 3.73
CA GLY A 8 -0.89 7.36 3.24
C GLY A 8 0.53 6.83 3.04
N CYS A 9 0.92 6.58 1.82
CA CYS A 9 2.28 6.03 1.57
C CYS A 9 3.06 6.82 0.53
N LYS A 10 4.35 6.69 0.59
CA LYS A 10 5.24 7.38 -0.39
C LYS A 10 5.97 6.31 -1.20
N THR A 11 5.87 5.07 -0.78
CA THR A 11 6.55 3.96 -1.51
C THR A 11 5.84 2.64 -1.25
N THR A 12 6.10 1.64 -2.05
CA THR A 12 5.42 0.32 -1.85
C THR A 12 5.91 -0.35 -0.56
N ALA A 13 7.18 -0.26 -0.28
CA ALA A 13 7.72 -0.91 0.96
C ALA A 13 7.13 -0.24 2.21
N ASP A 14 6.41 0.84 2.03
CA ASP A 14 5.82 1.53 3.21
C ASP A 14 4.53 0.84 3.66
N CYS A 15 4.00 -0.05 2.87
CA CYS A 15 2.74 -0.74 3.29
C CYS A 15 3.06 -2.05 4.01
N CYS A 16 2.06 -2.81 4.36
CA CYS A 16 2.30 -4.11 5.04
C CYS A 16 2.77 -5.16 4.04
N LYS A 17 2.75 -6.40 4.41
CA LYS A 17 3.21 -7.48 3.47
C LYS A 17 2.09 -7.92 2.53
N HIS A 18 1.33 -6.98 2.05
CA HIS A 18 0.21 -7.31 1.11
C HIS A 18 -0.20 -6.06 0.32
N LEU A 19 -0.09 -4.92 0.93
CA LEU A 19 -0.51 -3.66 0.25
C LEU A 19 0.57 -3.19 -0.72
N ALA A 20 0.19 -2.40 -1.68
CA ALA A 20 1.18 -1.90 -2.68
C ALA A 20 0.98 -0.39 -2.89
N CYS A 21 1.84 0.41 -2.32
CA CYS A 21 1.70 1.90 -2.48
C CYS A 21 1.63 2.27 -3.96
N ARG A 22 0.51 2.77 -4.40
CA ARG A 22 0.37 3.16 -5.83
C ARG A 22 0.61 4.67 -5.99
N SER A 23 1.45 5.04 -6.92
CA SER A 23 1.75 6.48 -7.14
C SER A 23 0.46 7.24 -7.50
N ASP A 24 -0.57 6.54 -7.86
CA ASP A 24 -1.85 7.23 -8.23
C ASP A 24 -2.60 7.65 -6.96
N GLY A 25 -2.11 8.65 -6.28
CA GLY A 25 -2.78 9.10 -5.03
C GLY A 25 -1.92 8.71 -3.83
N LYS A 26 -0.73 8.23 -4.08
CA LYS A 26 0.16 7.83 -2.94
C LYS A 26 -0.63 7.06 -1.90
N TYR A 27 -1.14 5.90 -2.24
CA TYR A 27 -1.93 5.12 -1.25
C TYR A 27 -1.59 3.62 -1.35
N CYS A 28 -1.46 2.96 -0.24
CA CYS A 28 -1.13 1.50 -0.26
C CYS A 28 -2.38 0.66 -0.49
N ALA A 29 -2.31 -0.31 -1.36
CA ALA A 29 -3.49 -1.18 -1.62
C ALA A 29 -2.99 -2.54 -2.15
N TRP A 30 -3.43 -3.63 -1.57
CA TRP A 30 -2.93 -4.95 -2.06
C TRP A 30 -3.67 -5.37 -3.32
N ASP A 31 -3.26 -6.44 -3.94
CA ASP A 31 -3.95 -6.89 -5.18
C ASP A 31 -4.58 -8.27 -4.98
N GLY A 32 -4.99 -8.58 -3.77
CA GLY A 32 -5.62 -9.90 -3.52
C GLY A 32 -5.26 -10.39 -2.12
N THR A 33 -5.81 -11.50 -1.71
CA THR A 33 -5.52 -12.04 -0.35
C THR A 33 -5.66 -13.56 -0.34
N PHE A 34 -5.55 -14.17 0.81
CA PHE A 34 -5.69 -15.65 0.88
C PHE A 34 -6.86 -16.02 1.79
N THR A 1 4.29 -2.86 11.77
CA THR A 1 4.78 -1.47 11.55
C THR A 1 4.57 -1.06 10.09
N CYS A 2 3.41 -1.32 9.56
CA CYS A 2 3.15 -0.94 8.13
C CYS A 2 1.77 -0.29 8.01
N ARG A 3 1.33 -0.06 6.80
CA ARG A 3 -0.01 0.57 6.61
C ARG A 3 -0.91 -0.36 5.80
N TYR A 4 -2.20 -0.24 5.96
CA TYR A 4 -3.12 -1.11 5.20
C TYR A 4 -3.71 -0.37 4.00
N LEU A 5 -4.80 -0.84 3.47
CA LEU A 5 -5.44 -0.19 2.29
C LEU A 5 -5.32 1.33 2.34
N PHE A 6 -5.26 1.95 1.19
CA PHE A 6 -5.16 3.42 1.09
C PHE A 6 -4.35 4.00 2.24
N GLY A 7 -3.38 3.28 2.72
CA GLY A 7 -2.54 3.81 3.83
C GLY A 7 -1.67 4.95 3.31
N GLY A 8 -1.79 6.13 3.86
CA GLY A 8 -0.96 7.28 3.39
C GLY A 8 0.48 6.81 3.16
N CYS A 9 0.83 6.49 1.95
CA CYS A 9 2.21 6.01 1.67
C CYS A 9 2.87 6.77 0.53
N LYS A 10 4.17 6.73 0.50
CA LYS A 10 4.93 7.40 -0.58
C LYS A 10 5.73 6.33 -1.33
N THR A 11 5.70 5.11 -0.85
CA THR A 11 6.46 4.01 -1.52
C THR A 11 5.79 2.66 -1.24
N THR A 12 6.09 1.67 -2.03
CA THR A 12 5.47 0.32 -1.83
C THR A 12 5.96 -0.30 -0.51
N ALA A 13 7.19 -0.05 -0.16
CA ALA A 13 7.73 -0.63 1.11
C ALA A 13 7.10 0.06 2.33
N ASP A 14 6.24 1.01 2.11
CA ASP A 14 5.60 1.72 3.25
C ASP A 14 4.32 1.02 3.67
N CYS A 15 3.92 -0.02 2.98
CA CYS A 15 2.67 -0.74 3.37
C CYS A 15 3.00 -2.05 4.07
N CYS A 16 2.00 -2.80 4.42
CA CYS A 16 2.23 -4.12 5.09
C CYS A 16 2.72 -5.15 4.08
N LYS A 17 2.76 -6.41 4.45
CA LYS A 17 3.25 -7.44 3.50
C LYS A 17 2.12 -7.91 2.58
N HIS A 18 1.35 -6.99 2.08
CA HIS A 18 0.22 -7.34 1.16
C HIS A 18 -0.21 -6.11 0.35
N LEU A 19 -0.09 -4.95 0.93
CA LEU A 19 -0.50 -3.71 0.21
C LEU A 19 0.53 -3.31 -0.84
N ALA A 20 0.17 -2.36 -1.67
CA ALA A 20 1.11 -1.88 -2.72
C ALA A 20 0.92 -0.38 -2.94
N CYS A 21 1.75 0.41 -2.31
CA CYS A 21 1.62 1.89 -2.47
C CYS A 21 1.51 2.27 -3.95
N ARG A 22 0.39 2.82 -4.35
CA ARG A 22 0.24 3.22 -5.79
C ARG A 22 0.60 4.70 -5.96
N SER A 23 1.38 5.00 -6.96
CA SER A 23 1.80 6.41 -7.20
C SER A 23 0.61 7.28 -7.58
N ASP A 24 -0.45 6.69 -8.06
CA ASP A 24 -1.64 7.52 -8.44
C ASP A 24 -2.44 7.88 -7.19
N GLY A 25 -1.85 8.62 -6.29
CA GLY A 25 -2.57 9.01 -5.05
C GLY A 25 -1.73 8.59 -3.84
N LYS A 26 -0.56 8.06 -4.06
CA LYS A 26 0.30 7.63 -2.92
C LYS A 26 -0.54 6.89 -1.88
N TYR A 27 -1.11 5.78 -2.25
CA TYR A 27 -1.96 5.02 -1.27
C TYR A 27 -1.67 3.51 -1.36
N CYS A 28 -1.49 2.87 -0.23
CA CYS A 28 -1.19 1.41 -0.23
C CYS A 28 -2.45 0.57 -0.48
N ALA A 29 -2.40 -0.29 -1.45
CA ALA A 29 -3.57 -1.18 -1.75
C ALA A 29 -3.06 -2.54 -2.24
N TRP A 30 -3.47 -3.62 -1.62
CA TRP A 30 -2.97 -4.95 -2.06
C TRP A 30 -3.73 -5.43 -3.30
N ASP A 31 -3.26 -6.47 -3.93
CA ASP A 31 -3.96 -6.98 -5.14
C ASP A 31 -4.73 -8.27 -4.82
N GLY A 32 -6.01 -8.27 -5.04
CA GLY A 32 -6.81 -9.50 -4.74
C GLY A 32 -6.32 -10.67 -5.59
N THR A 33 -7.21 -11.36 -6.23
CA THR A 33 -6.79 -12.51 -7.09
C THR A 33 -7.12 -12.23 -8.55
N PHE A 34 -7.54 -13.23 -9.27
CA PHE A 34 -7.89 -13.03 -10.71
C PHE A 34 -9.27 -13.61 -11.01
N THR A 1 4.90 -2.18 12.12
CA THR A 1 3.88 -1.18 11.73
C THR A 1 3.93 -0.92 10.22
N CYS A 2 2.81 -0.96 9.55
CA CYS A 2 2.80 -0.71 8.09
C CYS A 2 1.54 0.05 7.68
N ARG A 3 1.29 0.14 6.40
CA ARG A 3 0.10 0.88 5.93
C ARG A 3 -0.88 -0.07 5.23
N TYR A 4 -2.09 -0.16 5.71
CA TYR A 4 -3.09 -1.07 5.08
C TYR A 4 -3.77 -0.36 3.91
N LEU A 5 -4.93 -0.83 3.53
CA LEU A 5 -5.67 -0.21 2.39
C LEU A 5 -5.45 1.30 2.31
N PHE A 6 -5.30 1.81 1.12
CA PHE A 6 -5.08 3.27 0.92
C PHE A 6 -4.24 3.87 2.05
N GLY A 7 -3.37 3.09 2.62
CA GLY A 7 -2.50 3.62 3.71
C GLY A 7 -1.66 4.79 3.18
N GLY A 8 -1.69 5.92 3.84
CA GLY A 8 -0.90 7.08 3.37
C GLY A 8 0.56 6.67 3.19
N CYS A 9 0.96 6.39 1.98
CA CYS A 9 2.36 5.94 1.74
C CYS A 9 3.05 6.74 0.64
N LYS A 10 4.35 6.74 0.66
CA LYS A 10 5.12 7.44 -0.38
C LYS A 10 5.85 6.40 -1.24
N THR A 11 5.76 5.15 -0.84
CA THR A 11 6.43 4.07 -1.61
C THR A 11 5.77 2.71 -1.31
N THR A 12 6.00 1.74 -2.15
CA THR A 12 5.37 0.39 -1.93
C THR A 12 5.93 -0.27 -0.66
N ALA A 13 7.18 -0.03 -0.34
CA ALA A 13 7.76 -0.65 0.88
C ALA A 13 7.21 0.01 2.14
N ASP A 14 6.29 0.92 1.99
CA ASP A 14 5.72 1.60 3.19
C ASP A 14 4.40 0.94 3.62
N CYS A 15 3.97 -0.08 2.93
CA CYS A 15 2.68 -0.74 3.34
C CYS A 15 2.96 -2.03 4.10
N CYS A 16 1.93 -2.75 4.44
CA CYS A 16 2.09 -4.03 5.17
C CYS A 16 2.67 -5.10 4.24
N LYS A 17 2.60 -6.34 4.61
CA LYS A 17 3.16 -7.41 3.74
C LYS A 17 2.10 -7.89 2.74
N HIS A 18 1.33 -6.98 2.22
CA HIS A 18 0.28 -7.35 1.22
C HIS A 18 -0.15 -6.12 0.42
N LEU A 19 -0.08 -4.95 0.99
CA LEU A 19 -0.52 -3.72 0.26
C LEU A 19 0.53 -3.29 -0.76
N ALA A 20 0.17 -2.42 -1.66
CA ALA A 20 1.14 -1.94 -2.69
C ALA A 20 0.97 -0.43 -2.90
N CYS A 21 1.82 0.37 -2.30
CA CYS A 21 1.70 1.85 -2.47
C CYS A 21 1.61 2.23 -3.95
N ARG A 22 0.46 2.64 -4.38
CA ARG A 22 0.29 3.05 -5.81
C ARG A 22 0.57 4.55 -5.96
N SER A 23 1.33 4.92 -6.96
CA SER A 23 1.65 6.35 -7.17
C SER A 23 0.39 7.16 -7.48
N ASP A 24 -0.73 6.50 -7.68
CA ASP A 24 -1.98 7.26 -7.99
C ASP A 24 -2.58 7.83 -6.70
N GLY A 25 -1.92 8.78 -6.10
CA GLY A 25 -2.44 9.38 -4.84
C GLY A 25 -1.58 8.92 -3.66
N LYS A 26 -0.54 8.17 -3.91
CA LYS A 26 0.32 7.69 -2.80
C LYS A 26 -0.51 6.94 -1.77
N TYR A 27 -1.08 5.83 -2.15
CA TYR A 27 -1.91 5.05 -1.18
C TYR A 27 -1.57 3.56 -1.29
N CYS A 28 -1.54 2.86 -0.18
CA CYS A 28 -1.18 1.41 -0.22
C CYS A 28 -2.42 0.53 -0.44
N ALA A 29 -2.37 -0.31 -1.44
CA ALA A 29 -3.52 -1.23 -1.72
C ALA A 29 -2.96 -2.57 -2.25
N TRP A 30 -3.38 -3.67 -1.67
CA TRP A 30 -2.84 -4.98 -2.14
C TRP A 30 -3.56 -5.44 -3.41
N ASP A 31 -3.14 -6.53 -3.98
CA ASP A 31 -3.79 -7.03 -5.23
C ASP A 31 -4.19 -8.50 -5.07
N GLY A 32 -4.84 -8.83 -3.99
CA GLY A 32 -5.26 -10.24 -3.77
C GLY A 32 -6.77 -10.31 -3.57
N THR A 33 -7.46 -9.22 -3.80
CA THR A 33 -8.94 -9.23 -3.60
C THR A 33 -9.63 -8.56 -4.79
N PHE A 34 -9.02 -7.58 -5.39
CA PHE A 34 -9.66 -6.90 -6.55
C PHE A 34 -9.53 -7.76 -7.81
#